data_4JCM
#
_entry.id   4JCM
#
_cell.length_a   205.736
_cell.length_b   205.736
_cell.length_c   43.504
_cell.angle_alpha   90.00
_cell.angle_beta   90.00
_cell.angle_gamma   120.00
#
_symmetry.space_group_name_H-M   'H 3'
#
loop_
_entity.id
_entity.type
_entity.pdbx_description
1 polymer 'Cyclodextrin glucanotransferase'
2 non-polymer 'CALCIUM ION'
3 non-polymer 'CHLORIDE ION'
4 non-polymer 'SODIUM ION'
5 non-polymer 'SULFATE ION'
6 non-polymer GLYCEROL
7 non-polymer 1,2-ETHANEDIOL
8 water water
#
_entity_poly.entity_id   1
_entity_poly.type   'polypeptide(L)'
_entity_poly.pdbx_seq_one_letter_code
;MFRKLLCTLVTIITLSAWIVSHGGEVHASNATNDLSNVNYAEEVIYHIVTDRFKDGDPDNNPQGQLFSNGCSDLTKYCGG
DWQGIIDEIESGYLPDMGITALWISPPVENVFDLHPEGFSSYHGYWARDFKKTNPFFGDFDDFSRLIETAHAHDIKVVID
FVPNHTSPVDIEDGALYDNGTLLGHYSTDANNYFYNYGGSDFSDYENSIYRNLYDLASLNQQHSFIDKYLKESIQLWLDT
GIDGIRVDAVAHMPLGWQKAFISSVYDYNPVFTFGEWFTGAQGSNHYHHFVNNSGMSALDFRYAQVAQDVLRNQKGTMHD
IYDMLASTQLDYERPQDQVTFIDNHDIDRFTVEGRDTRTTDIGLAFLLTSRGVPAIYYGTENYMTGKGDPGNRKMMESFD
QTTTAYQVIQKLAPLRQENKAVAYGSTKERWINDDVLIYERSFNGDYLLVAINKNVNQAYTISGLLTEMPAQVYHDVLDS
LLDGQSLAVKENGTVDSFLLGPGEVSVWQHISESGSAPVIGQVGPPMGKPGDAVKISGSGFGSEPGTVYFRDTKIDVLTW
DDETIVITLPETLGGKAQISVTNSDGVTSNGYDFQLLTGKQESVRFVVDNAHTNYGENVYLVGNVPELGNWNPADAIGPM
FNQVVYSYPTWYYDVSVPADTALEFKFIIVDGNGNVTWESGGNHNYRVTSGSTDTVRVSFRR
;
_entity_poly.pdbx_strand_id   A
#
loop_
_chem_comp.id
_chem_comp.type
_chem_comp.name
_chem_comp.formula
CA non-polymer 'CALCIUM ION' 'Ca 2'
CL non-polymer 'CHLORIDE ION' 'Cl -1'
EDO non-polymer 1,2-ETHANEDIOL 'C2 H6 O2'
GOL non-polymer GLYCEROL 'C3 H8 O3'
NA non-polymer 'SODIUM ION' 'Na 1'
SO4 non-polymer 'SULFATE ION' 'O4 S -2'
#
# COMPACT_ATOMS: atom_id res chain seq x y z
N ASP A 34 -13.80 1.03 -14.55
CA ASP A 34 -12.83 0.19 -15.24
C ASP A 34 -11.40 0.53 -14.85
N LEU A 35 -11.00 1.77 -15.13
CA LEU A 35 -9.80 2.33 -14.51
C LEU A 35 -10.25 3.28 -13.39
N SER A 36 -11.46 3.09 -12.91
CA SER A 36 -12.01 4.01 -11.91
C SER A 36 -11.40 3.79 -10.52
N ASN A 37 -10.68 2.68 -10.36
CA ASN A 37 -10.13 2.31 -9.06
C ASN A 37 -8.61 2.31 -8.97
N VAL A 38 -7.93 2.88 -9.97
CA VAL A 38 -6.47 2.75 -10.04
C VAL A 38 -5.72 3.90 -9.38
N ASN A 39 -6.44 4.98 -9.07
CA ASN A 39 -5.85 6.19 -8.52
C ASN A 39 -6.57 6.56 -7.24
N TYR A 40 -5.87 6.43 -6.11
CA TYR A 40 -6.46 6.72 -4.81
C TYR A 40 -5.97 8.04 -4.23
N ALA A 41 -5.24 8.81 -5.01
CA ALA A 41 -4.64 10.06 -4.51
C ALA A 41 -5.68 11.02 -3.94
N GLU A 42 -6.92 10.93 -4.40
CA GLU A 42 -7.97 11.85 -3.97
C GLU A 42 -8.88 11.22 -2.91
N GLU A 43 -8.52 10.04 -2.45
CA GLU A 43 -9.34 9.31 -1.49
C GLU A 43 -8.88 9.53 -0.06
N VAL A 44 -9.80 9.31 0.88
CA VAL A 44 -9.45 9.23 2.28
C VAL A 44 -10.03 7.91 2.77
N ILE A 45 -9.15 7.05 3.27
CA ILE A 45 -9.55 5.70 3.68
C ILE A 45 -9.88 5.67 5.16
N TYR A 46 -10.92 4.92 5.50
CA TYR A 46 -11.26 4.66 6.89
C TYR A 46 -11.09 3.16 7.09
N HIS A 47 -10.18 2.79 8.02
CA HIS A 47 -9.76 1.41 8.19
C HIS A 47 -10.52 0.74 9.35
N ILE A 48 -11.30 -0.28 9.02
CA ILE A 48 -12.15 -0.97 9.98
C ILE A 48 -11.63 -2.39 10.25
N VAL A 49 -11.52 -2.74 11.53
CA VAL A 49 -11.42 -4.15 11.92
C VAL A 49 -12.86 -4.63 12.08
N THR A 50 -13.30 -5.44 11.13
CA THR A 50 -14.71 -5.78 10.98
C THR A 50 -15.38 -6.23 12.28
N ASP A 51 -14.74 -7.13 12.99
CA ASP A 51 -15.31 -7.70 14.21
C ASP A 51 -15.51 -6.66 15.32
N ARG A 52 -14.79 -5.55 15.23
CA ARG A 52 -14.73 -4.58 16.32
C ARG A 52 -15.44 -3.26 16.02
N PHE A 53 -16.11 -3.18 14.89
CA PHE A 53 -16.79 -1.94 14.49
C PHE A 53 -18.24 -1.92 14.97
N LYS A 54 -19.12 -2.69 14.33
CA LYS A 54 -20.52 -2.74 14.75
C LYS A 54 -21.18 -4.08 14.46
N ASP A 55 -21.79 -4.64 15.48
CA ASP A 55 -22.57 -5.87 15.35
C ASP A 55 -23.95 -5.51 14.81
N GLY A 56 -24.08 -5.52 13.48
CA GLY A 56 -25.34 -5.18 12.84
C GLY A 56 -26.30 -6.35 12.77
N ASP A 57 -25.76 -7.55 12.93
CA ASP A 57 -26.58 -8.76 12.86
C ASP A 57 -26.17 -9.75 13.94
N PRO A 58 -26.75 -9.61 15.14
CA PRO A 58 -26.40 -10.51 16.25
C PRO A 58 -26.60 -11.99 15.91
N ASP A 59 -27.47 -12.27 14.94
CA ASP A 59 -27.79 -13.65 14.58
C ASP A 59 -26.62 -14.41 13.94
N ASN A 60 -25.68 -13.70 13.32
CA ASN A 60 -24.52 -14.39 12.77
CA ASN A 60 -24.49 -14.31 12.74
C ASN A 60 -23.35 -14.46 13.76
N ASN A 61 -23.58 -14.01 14.98
CA ASN A 61 -22.55 -14.09 16.02
C ASN A 61 -22.14 -15.53 16.28
N PRO A 62 -20.84 -15.77 16.52
CA PRO A 62 -20.45 -17.10 16.99
C PRO A 62 -21.13 -17.39 18.32
N GLN A 63 -21.27 -18.66 18.66
CA GLN A 63 -21.81 -19.07 19.94
C GLN A 63 -20.77 -19.87 20.70
N GLY A 64 -20.69 -19.66 22.00
CA GLY A 64 -19.77 -20.43 22.82
C GLY A 64 -18.39 -19.81 22.95
N GLN A 65 -17.37 -20.65 23.03
CA GLN A 65 -16.03 -20.19 23.37
C GLN A 65 -15.45 -19.18 22.38
N LEU A 66 -15.93 -19.19 21.14
CA LEU A 66 -15.41 -18.25 20.13
C LEU A 66 -15.88 -16.82 20.36
N PHE A 67 -16.95 -16.66 21.12
CA PHE A 67 -17.60 -15.36 21.29
C PHE A 67 -17.36 -14.76 22.68
N SER A 68 -17.12 -13.45 22.71
CA SER A 68 -17.00 -12.74 23.97
C SER A 68 -18.12 -11.73 24.11
N ASN A 69 -19.07 -12.02 25.01
CA ASN A 69 -20.15 -11.08 25.30
C ASN A 69 -19.60 -9.78 25.88
N GLY A 70 -19.98 -8.66 25.28
CA GLY A 70 -19.51 -7.35 25.72
C GLY A 70 -18.08 -7.07 25.33
N CYS A 71 -17.48 -7.96 24.55
CA CYS A 71 -16.09 -7.83 24.10
C CYS A 71 -15.12 -7.63 25.27
N SER A 72 -15.28 -8.45 26.31
CA SER A 72 -14.39 -8.39 27.47
C SER A 72 -13.07 -9.12 27.24
N ASP A 73 -13.09 -10.08 26.32
CA ASP A 73 -11.89 -10.82 25.95
C ASP A 73 -11.54 -10.43 24.51
N LEU A 74 -10.51 -9.60 24.35
CA LEU A 74 -10.19 -9.01 23.05
C LEU A 74 -9.53 -9.98 22.07
N THR A 75 -9.43 -11.24 22.46
CA THR A 75 -8.87 -12.25 21.56
C THR A 75 -9.97 -13.06 20.88
N LYS A 76 -11.22 -12.79 21.25
CA LYS A 76 -12.36 -13.55 20.73
C LYS A 76 -13.16 -12.74 19.72
N TYR A 77 -14.15 -13.36 19.10
CA TYR A 77 -15.09 -12.62 18.26
C TYR A 77 -16.01 -11.81 19.17
N CYS A 78 -16.21 -10.54 18.83
CA CYS A 78 -17.11 -9.67 19.57
C CYS A 78 -18.40 -9.38 18.81
N GLY A 79 -18.44 -9.74 17.54
CA GLY A 79 -19.69 -9.68 16.80
C GLY A 79 -19.79 -8.70 15.65
N GLY A 80 -18.80 -7.83 15.49
CA GLY A 80 -18.84 -6.87 14.40
C GLY A 80 -18.95 -7.53 13.05
N ASP A 81 -19.77 -6.97 12.17
CA ASP A 81 -20.06 -7.65 10.90
C ASP A 81 -20.34 -6.66 9.76
N TRP A 82 -20.63 -7.19 8.58
CA TRP A 82 -20.84 -6.34 7.40
C TRP A 82 -22.14 -5.53 7.51
N GLN A 83 -23.17 -6.13 8.10
CA GLN A 83 -24.41 -5.39 8.30
C GLN A 83 -24.16 -4.14 9.17
N GLY A 84 -23.26 -4.28 10.13
CA GLY A 84 -22.90 -3.15 10.99
C GLY A 84 -22.28 -2.02 10.20
N ILE A 85 -21.38 -2.35 9.27
CA ILE A 85 -20.79 -1.32 8.43
C ILE A 85 -21.87 -0.67 7.57
N ILE A 86 -22.74 -1.49 6.99
CA ILE A 86 -23.85 -0.98 6.21
C ILE A 86 -24.67 0.01 7.04
N ASP A 87 -24.99 -0.38 8.27
CA ASP A 87 -25.78 0.47 9.18
C ASP A 87 -25.18 1.86 9.32
N GLU A 88 -23.85 1.92 9.41
CA GLU A 88 -23.15 3.18 9.65
C GLU A 88 -22.91 3.97 8.38
N ILE A 89 -23.13 3.34 7.23
CA ILE A 89 -23.19 4.09 5.99
C ILE A 89 -24.57 4.72 5.87
N GLU A 90 -25.60 3.90 6.10
CA GLU A 90 -26.99 4.36 5.99
C GLU A 90 -27.33 5.46 6.99
N SER A 91 -26.71 5.44 8.16
CA SER A 91 -27.01 6.43 9.19
C SER A 91 -26.35 7.75 8.86
N GLY A 92 -25.37 7.72 7.97
CA GLY A 92 -24.65 8.90 7.57
C GLY A 92 -23.32 9.03 8.29
N TYR A 93 -23.12 8.24 9.34
CA TYR A 93 -21.91 8.38 10.15
C TYR A 93 -20.64 8.36 9.29
N LEU A 94 -20.54 7.37 8.42
CA LEU A 94 -19.35 7.24 7.60
C LEU A 94 -19.27 8.28 6.47
N PRO A 95 -20.28 8.34 5.59
CA PRO A 95 -20.16 9.31 4.48
C PRO A 95 -20.12 10.77 4.96
N ASP A 96 -20.86 11.10 6.01
CA ASP A 96 -20.86 12.49 6.51
C ASP A 96 -19.51 12.90 7.07
N MET A 97 -18.70 11.93 7.47
CA MET A 97 -17.36 12.20 7.99
C MET A 97 -16.44 12.72 6.90
N GLY A 98 -16.75 12.41 5.64
CA GLY A 98 -15.96 12.87 4.52
C GLY A 98 -15.03 11.81 3.98
N ILE A 99 -15.01 10.63 4.61
CA ILE A 99 -14.17 9.55 4.12
C ILE A 99 -14.75 9.01 2.80
N THR A 100 -13.91 8.42 1.97
CA THR A 100 -14.35 8.03 0.63
C THR A 100 -14.04 6.58 0.30
N ALA A 101 -13.44 5.87 1.26
CA ALA A 101 -13.11 4.46 1.05
C ALA A 101 -13.11 3.75 2.39
N LEU A 102 -13.55 2.49 2.40
CA LEU A 102 -13.56 1.66 3.59
C LEU A 102 -12.62 0.49 3.38
N TRP A 103 -11.64 0.35 4.27
CA TRP A 103 -10.67 -0.72 4.18
C TRP A 103 -11.01 -1.69 5.31
N ILE A 104 -11.35 -2.93 4.96
CA ILE A 104 -11.87 -3.87 5.94
C ILE A 104 -11.04 -5.16 6.06
N SER A 105 -11.29 -5.92 7.12
CA SER A 105 -10.62 -7.20 7.37
C SER A 105 -10.85 -8.18 6.23
N PRO A 106 -9.98 -9.20 6.11
CA PRO A 106 -10.19 -10.21 5.08
C PRO A 106 -11.61 -10.74 5.18
N PRO A 107 -12.30 -10.87 4.04
CA PRO A 107 -13.68 -11.33 4.09
C PRO A 107 -13.81 -12.84 4.00
N VAL A 108 -12.69 -13.56 3.85
CA VAL A 108 -12.74 -15.00 3.54
C VAL A 108 -12.97 -15.89 4.76
N GLU A 109 -13.48 -17.09 4.51
CA GLU A 109 -13.77 -18.02 5.59
C GLU A 109 -12.51 -18.34 6.38
N ASN A 110 -12.60 -18.21 7.70
CA ASN A 110 -11.48 -18.50 8.59
C ASN A 110 -11.75 -19.75 9.43
N VAL A 111 -10.72 -20.27 10.08
CA VAL A 111 -10.90 -21.41 10.96
C VAL A 111 -11.93 -21.13 12.05
N PHE A 112 -12.66 -22.17 12.44
CA PHE A 112 -13.75 -22.04 13.39
C PHE A 112 -13.40 -22.53 14.80
N ASP A 113 -12.17 -23.00 14.97
CA ASP A 113 -11.70 -23.45 16.27
C ASP A 113 -10.69 -22.46 16.84
N LEU A 114 -10.56 -22.45 18.17
CA LEU A 114 -9.61 -21.57 18.84
C LEU A 114 -8.19 -22.14 18.79
N HIS A 115 -7.21 -21.23 18.79
CA HIS A 115 -5.83 -21.56 19.06
C HIS A 115 -5.77 -22.20 20.45
N PRO A 116 -4.86 -23.16 20.66
CA PRO A 116 -4.73 -23.80 21.97
C PRO A 116 -4.55 -22.79 23.11
N GLU A 117 -4.05 -21.60 22.81
CA GLU A 117 -3.82 -20.59 23.84
CA GLU A 117 -3.83 -20.61 23.85
C GLU A 117 -5.01 -19.66 24.02
N GLY A 118 -6.07 -19.88 23.25
CA GLY A 118 -7.30 -19.11 23.40
C GLY A 118 -7.60 -18.13 22.28
N PHE A 119 -6.63 -17.88 21.41
CA PHE A 119 -6.79 -16.89 20.34
C PHE A 119 -7.77 -17.34 19.26
N SER A 120 -8.62 -16.42 18.82
CA SER A 120 -9.61 -16.69 17.78
C SER A 120 -9.24 -16.03 16.45
N SER A 121 -9.97 -16.39 15.40
CA SER A 121 -9.72 -15.85 14.07
C SER A 121 -10.52 -14.58 13.79
N TYR A 122 -10.90 -13.86 14.85
CA TYR A 122 -11.76 -12.68 14.70
C TYR A 122 -11.21 -11.69 13.68
N HIS A 123 -9.89 -11.68 13.51
CA HIS A 123 -9.21 -10.71 12.69
C HIS A 123 -9.23 -11.05 11.20
N GLY A 124 -9.57 -12.30 10.86
CA GLY A 124 -9.69 -12.72 9.48
C GLY A 124 -8.40 -13.21 8.83
N TYR A 125 -7.31 -13.25 9.58
N TYR A 125 -7.34 -13.29 9.64
CA TYR A 125 -6.02 -13.56 8.97
CA TYR A 125 -5.97 -13.56 9.20
C TYR A 125 -5.67 -15.05 9.02
C TYR A 125 -5.68 -15.05 9.01
N TRP A 126 -6.64 -15.88 9.41
CA TRP A 126 -6.43 -17.33 9.45
C TRP A 126 -7.38 -18.06 8.49
N ALA A 127 -7.14 -17.91 7.20
CA ALA A 127 -8.04 -18.43 6.18
C ALA A 127 -8.10 -19.96 6.15
N ARG A 128 -9.28 -20.48 5.84
CA ARG A 128 -9.40 -21.90 5.52
C ARG A 128 -10.01 -22.09 4.11
N ASP A 129 -10.68 -21.07 3.59
CA ASP A 129 -11.27 -21.17 2.24
C ASP A 129 -11.36 -19.78 1.61
N PHE A 130 -10.52 -19.52 0.62
CA PHE A 130 -10.45 -18.20 0.01
C PHE A 130 -11.61 -17.92 -0.92
N LYS A 131 -12.46 -18.92 -1.15
CA LYS A 131 -13.59 -18.82 -2.08
C LYS A 131 -14.92 -18.61 -1.37
N LYS A 132 -14.90 -18.59 -0.04
CA LYS A 132 -16.13 -18.45 0.74
C LYS A 132 -16.02 -17.28 1.72
N THR A 133 -17.17 -16.77 2.16
CA THR A 133 -17.18 -15.71 3.17
C THR A 133 -16.92 -16.27 4.56
N ASN A 134 -16.47 -15.40 5.46
CA ASN A 134 -16.48 -15.67 6.88
C ASN A 134 -17.92 -15.49 7.33
N PRO A 135 -18.60 -16.59 7.69
CA PRO A 135 -20.05 -16.46 7.94
C PRO A 135 -20.37 -15.61 9.16
N PHE A 136 -19.36 -15.32 9.98
CA PHE A 136 -19.59 -14.45 11.13
C PHE A 136 -19.67 -12.98 10.70
N PHE A 137 -19.08 -12.65 9.56
CA PHE A 137 -19.20 -11.30 8.99
C PHE A 137 -20.44 -11.20 8.10
N GLY A 138 -20.81 -12.32 7.48
CA GLY A 138 -21.98 -12.38 6.62
C GLY A 138 -21.84 -13.40 5.51
N ASP A 139 -22.89 -13.55 4.69
CA ASP A 139 -22.83 -14.42 3.52
C ASP A 139 -22.58 -13.57 2.27
N PHE A 140 -22.50 -14.20 1.10
CA PHE A 140 -22.21 -13.43 -0.11
C PHE A 140 -23.27 -12.37 -0.40
N ASP A 141 -24.52 -12.64 -0.04
CA ASP A 141 -25.56 -11.63 -0.17
C ASP A 141 -25.28 -10.40 0.68
N ASP A 142 -24.86 -10.63 1.93
CA ASP A 142 -24.50 -9.53 2.83
C ASP A 142 -23.35 -8.73 2.23
N PHE A 143 -22.35 -9.45 1.72
CA PHE A 143 -21.19 -8.77 1.15
C PHE A 143 -21.60 -7.91 -0.04
N SER A 144 -22.46 -8.45 -0.89
CA SER A 144 -22.95 -7.70 -2.04
C SER A 144 -23.71 -6.45 -1.60
N ARG A 145 -24.45 -6.56 -0.51
CA ARG A 145 -25.19 -5.41 -0.01
C ARG A 145 -24.24 -4.35 0.54
N LEU A 146 -23.14 -4.79 1.13
CA LEU A 146 -22.11 -3.86 1.59
C LEU A 146 -21.50 -3.11 0.40
N ILE A 147 -21.10 -3.85 -0.62
CA ILE A 147 -20.55 -3.24 -1.82
C ILE A 147 -21.53 -2.25 -2.44
N GLU A 148 -22.78 -2.68 -2.60
CA GLU A 148 -23.82 -1.84 -3.20
C GLU A 148 -24.07 -0.57 -2.38
N THR A 149 -24.13 -0.73 -1.06
CA THR A 149 -24.39 0.39 -0.18
C THR A 149 -23.24 1.40 -0.20
N ALA A 150 -22.00 0.92 -0.14
CA ALA A 150 -20.83 1.79 -0.19
C ALA A 150 -20.80 2.52 -1.52
N HIS A 151 -20.94 1.78 -2.62
CA HIS A 151 -20.91 2.39 -3.95
C HIS A 151 -22.02 3.44 -4.12
N ALA A 152 -23.17 3.18 -3.51
CA ALA A 152 -24.29 4.13 -3.60
C ALA A 152 -23.93 5.48 -3.01
N HIS A 153 -22.94 5.49 -2.12
CA HIS A 153 -22.49 6.73 -1.50
C HIS A 153 -21.10 7.13 -1.97
N ASP A 154 -20.68 6.60 -3.13
CA ASP A 154 -19.37 6.89 -3.70
C ASP A 154 -18.24 6.57 -2.73
N ILE A 155 -18.42 5.49 -1.99
CA ILE A 155 -17.39 4.98 -1.10
C ILE A 155 -16.80 3.71 -1.69
N LYS A 156 -15.47 3.64 -1.79
CA LYS A 156 -14.80 2.46 -2.31
C LYS A 156 -14.60 1.45 -1.20
N VAL A 157 -14.49 0.17 -1.55
CA VAL A 157 -14.23 -0.87 -0.57
C VAL A 157 -12.92 -1.60 -0.85
N VAL A 158 -12.02 -1.54 0.11
CA VAL A 158 -10.71 -2.19 0.04
C VAL A 158 -10.71 -3.38 0.99
N ILE A 159 -10.30 -4.55 0.52
CA ILE A 159 -10.21 -5.73 1.40
C ILE A 159 -8.77 -6.14 1.64
N ASP A 160 -8.48 -6.61 2.87
CA ASP A 160 -7.26 -7.34 3.16
C ASP A 160 -7.26 -8.67 2.41
N PHE A 161 -6.09 -9.09 1.94
CA PHE A 161 -5.92 -10.37 1.26
C PHE A 161 -4.61 -10.99 1.72
N VAL A 162 -4.66 -12.25 2.14
CA VAL A 162 -3.52 -12.87 2.82
C VAL A 162 -3.03 -14.13 2.09
N PRO A 163 -2.26 -13.96 1.01
CA PRO A 163 -1.85 -15.13 0.20
C PRO A 163 -0.66 -15.90 0.78
N ASN A 164 -0.18 -15.46 1.93
CA ASN A 164 1.01 -16.07 2.54
C ASN A 164 0.76 -17.38 3.28
N HIS A 165 -0.41 -17.50 3.88
CA HIS A 165 -0.63 -18.60 4.80
C HIS A 165 -2.11 -18.88 5.00
N THR A 166 -2.39 -20.05 5.57
CA THR A 166 -3.74 -20.34 6.02
C THR A 166 -3.86 -20.02 7.51
N SER A 167 -3.66 -21.01 8.36
CA SER A 167 -3.94 -20.84 9.78
C SER A 167 -2.85 -21.45 10.68
N PRO A 168 -2.88 -21.13 11.98
CA PRO A 168 -1.90 -21.72 12.91
C PRO A 168 -1.96 -23.24 12.82
N VAL A 169 -0.81 -23.87 12.69
CA VAL A 169 -0.76 -25.30 12.41
CA VAL A 169 -0.73 -25.30 12.42
C VAL A 169 -1.41 -26.18 13.47
N ASP A 170 -1.48 -25.69 14.72
CA ASP A 170 -2.00 -26.52 15.81
CA ASP A 170 -2.00 -26.53 15.81
C ASP A 170 -3.53 -26.54 15.92
N ILE A 171 -4.20 -25.76 15.09
CA ILE A 171 -5.67 -25.68 15.17
C ILE A 171 -6.34 -26.76 14.32
N GLU A 172 -6.10 -26.72 13.01
CA GLU A 172 -6.63 -27.77 12.13
CA GLU A 172 -6.68 -27.68 12.08
C GLU A 172 -5.64 -28.11 11.05
N ASP A 173 -4.37 -28.19 11.44
CA ASP A 173 -3.29 -28.57 10.55
C ASP A 173 -3.34 -27.78 9.24
N GLY A 174 -3.60 -26.47 9.36
CA GLY A 174 -3.51 -25.56 8.23
C GLY A 174 -4.51 -25.79 7.11
N ALA A 175 -5.59 -26.51 7.41
CA ALA A 175 -6.54 -26.94 6.37
C ALA A 175 -6.85 -25.88 5.33
N LEU A 176 -6.74 -26.28 4.06
CA LEU A 176 -7.08 -25.42 2.94
C LEU A 176 -8.21 -26.06 2.15
N TYR A 177 -9.28 -25.29 1.93
CA TYR A 177 -10.42 -25.71 1.12
C TYR A 177 -10.58 -24.80 -0.09
N ASP A 178 -11.23 -25.35 -1.12
CA ASP A 178 -11.47 -24.66 -2.38
C ASP A 178 -12.97 -24.69 -2.63
N ASN A 179 -13.66 -23.64 -2.19
CA ASN A 179 -15.12 -23.59 -2.26
C ASN A 179 -15.77 -24.87 -1.70
N GLY A 180 -15.30 -25.30 -0.53
CA GLY A 180 -15.88 -26.43 0.17
C GLY A 180 -15.15 -27.74 -0.05
N THR A 181 -14.32 -27.80 -1.07
CA THR A 181 -13.57 -29.01 -1.39
C THR A 181 -12.20 -28.98 -0.73
N LEU A 182 -11.93 -29.98 0.11
CA LEU A 182 -10.64 -30.02 0.81
C LEU A 182 -9.52 -30.18 -0.19
N LEU A 183 -8.53 -29.28 -0.13
CA LEU A 183 -7.34 -29.39 -0.95
C LEU A 183 -6.24 -30.14 -0.22
N GLY A 184 -6.06 -29.83 1.06
CA GLY A 184 -5.06 -30.51 1.85
C GLY A 184 -4.72 -29.85 3.17
N HIS A 185 -3.79 -30.48 3.88
CA HIS A 185 -3.35 -30.02 5.19
C HIS A 185 -1.84 -29.82 5.17
N TYR A 186 -1.34 -29.14 6.19
CA TYR A 186 0.06 -28.74 6.24
C TYR A 186 1.02 -29.90 6.54
N SER A 187 0.84 -30.55 7.68
CA SER A 187 1.84 -31.53 8.13
C SER A 187 1.84 -32.78 7.27
N THR A 188 0.70 -33.08 6.66
CA THR A 188 0.52 -34.30 5.87
C THR A 188 0.58 -34.01 4.36
N ASP A 189 0.94 -32.78 4.03
CA ASP A 189 0.97 -32.31 2.63
C ASP A 189 1.68 -33.30 1.70
N ALA A 190 0.94 -33.80 0.71
CA ALA A 190 1.48 -34.74 -0.27
C ALA A 190 1.66 -34.10 -1.64
N ASN A 191 1.23 -32.85 -1.77
CA ASN A 191 1.19 -32.20 -3.08
C ASN A 191 2.03 -30.93 -3.16
N ASN A 192 2.88 -30.72 -2.15
CA ASN A 192 3.65 -29.49 -2.06
C ASN A 192 2.80 -28.23 -2.16
N TYR A 193 1.63 -28.27 -1.52
CA TYR A 193 0.77 -27.09 -1.42
C TYR A 193 1.30 -26.09 -0.39
N PHE A 194 2.14 -26.57 0.52
CA PHE A 194 2.66 -25.75 1.61
C PHE A 194 4.18 -25.80 1.63
N TYR A 195 4.80 -24.78 2.20
CA TYR A 195 6.22 -24.83 2.54
C TYR A 195 6.39 -25.42 3.93
N ASN A 196 7.19 -26.48 4.02
CA ASN A 196 7.48 -27.13 5.29
CA ASN A 196 7.48 -27.08 5.33
C ASN A 196 8.96 -27.07 5.66
N TYR A 197 9.46 -25.90 6.00
CA TYR A 197 10.85 -25.77 6.41
C TYR A 197 10.91 -25.50 7.91
N GLY A 198 12.11 -25.57 8.48
CA GLY A 198 12.28 -25.39 9.90
C GLY A 198 12.07 -23.94 10.31
N GLY A 199 12.26 -23.66 11.60
CA GLY A 199 12.17 -22.31 12.12
C GLY A 199 10.82 -21.63 11.95
N SER A 200 10.86 -20.31 12.00
CA SER A 200 12.13 -19.62 12.17
C SER A 200 12.07 -18.52 13.23
N ASP A 201 13.21 -18.29 13.89
CA ASP A 201 13.33 -17.23 14.88
C ASP A 201 14.39 -16.23 14.41
N PHE A 202 14.10 -14.94 14.57
CA PHE A 202 15.04 -13.90 14.18
C PHE A 202 15.64 -14.20 12.81
N SER A 203 14.80 -14.27 11.79
CA SER A 203 15.20 -14.70 10.45
C SER A 203 15.90 -13.64 9.60
N ASP A 204 16.73 -14.08 8.65
CA ASP A 204 17.18 -13.21 7.56
C ASP A 204 16.10 -13.18 6.48
N TYR A 205 16.34 -12.46 5.38
CA TYR A 205 15.31 -12.29 4.34
C TYR A 205 14.84 -13.63 3.78
N GLU A 206 15.78 -14.45 3.36
CA GLU A 206 15.45 -15.76 2.81
C GLU A 206 14.62 -16.58 3.78
N ASN A 207 15.07 -16.66 5.03
CA ASN A 207 14.34 -17.41 6.03
C ASN A 207 12.98 -16.77 6.32
N SER A 208 12.90 -15.45 6.18
N SER A 208 12.90 -15.46 6.17
CA SER A 208 11.66 -14.73 6.45
CA SER A 208 11.68 -14.71 6.45
C SER A 208 10.60 -15.07 5.40
C SER A 208 10.62 -14.96 5.37
N ILE A 209 11.07 -15.50 4.24
CA ILE A 209 10.17 -15.83 3.13
C ILE A 209 9.74 -17.30 3.13
N TYR A 210 10.69 -18.21 3.32
CA TYR A 210 10.39 -19.63 3.10
C TYR A 210 10.10 -20.44 4.37
N ARG A 211 10.47 -19.90 5.53
CA ARG A 211 10.10 -20.54 6.79
C ARG A 211 8.82 -19.89 7.33
N ASN A 212 8.13 -20.56 8.25
CA ASN A 212 6.82 -20.09 8.71
C ASN A 212 6.83 -18.76 9.45
N LEU A 213 5.82 -17.94 9.17
CA LEU A 213 5.55 -16.74 9.95
C LEU A 213 4.88 -17.21 11.24
N TYR A 214 5.54 -17.03 12.38
CA TYR A 214 5.04 -17.53 13.64
C TYR A 214 4.74 -19.02 13.52
N ASP A 215 3.49 -19.43 13.83
CA ASP A 215 3.12 -20.84 13.71
C ASP A 215 2.12 -21.08 12.58
N LEU A 216 2.13 -20.17 11.62
CA LEU A 216 1.17 -20.17 10.52
C LEU A 216 1.61 -21.10 9.39
N ALA A 217 0.66 -21.86 8.83
CA ALA A 217 0.95 -22.77 7.72
C ALA A 217 1.24 -21.98 6.44
N SER A 218 2.49 -21.99 6.01
CA SER A 218 2.91 -21.24 4.83
C SER A 218 2.44 -21.89 3.52
N LEU A 219 1.70 -21.15 2.71
CA LEU A 219 1.31 -21.63 1.39
C LEU A 219 2.52 -21.62 0.44
N ASN A 220 2.61 -22.64 -0.39
CA ASN A 220 3.65 -22.68 -1.41
C ASN A 220 3.13 -21.99 -2.67
N GLN A 221 3.34 -20.67 -2.79
CA GLN A 221 2.77 -19.92 -3.90
C GLN A 221 3.37 -20.32 -5.23
N GLN A 222 4.55 -20.89 -5.18
CA GLN A 222 5.29 -21.23 -6.41
C GLN A 222 4.76 -22.53 -7.04
N HIS A 223 3.98 -23.29 -6.28
CA HIS A 223 3.34 -24.49 -6.81
C HIS A 223 2.23 -24.05 -7.75
N SER A 224 2.26 -24.54 -8.98
CA SER A 224 1.32 -24.07 -10.01
CA SER A 224 1.32 -24.07 -10.01
C SER A 224 -0.14 -24.09 -9.55
N PHE A 225 -0.56 -25.20 -8.95
CA PHE A 225 -1.95 -25.30 -8.51
C PHE A 225 -2.33 -24.24 -7.47
N ILE A 226 -1.41 -23.92 -6.57
CA ILE A 226 -1.71 -22.94 -5.52
C ILE A 226 -1.69 -21.51 -6.08
N ASP A 227 -0.73 -21.25 -6.97
CA ASP A 227 -0.72 -19.96 -7.66
C ASP A 227 -2.05 -19.76 -8.38
N LYS A 228 -2.50 -20.79 -9.09
CA LYS A 228 -3.77 -20.69 -9.82
CA LYS A 228 -3.76 -20.70 -9.83
C LYS A 228 -4.95 -20.49 -8.88
N TYR A 229 -4.93 -21.20 -7.76
CA TYR A 229 -5.97 -21.08 -6.75
C TYR A 229 -6.05 -19.67 -6.17
N LEU A 230 -4.89 -19.08 -5.86
CA LEU A 230 -4.88 -17.73 -5.32
C LEU A 230 -5.38 -16.70 -6.34
N LYS A 231 -5.04 -16.92 -7.61
CA LYS A 231 -5.52 -16.08 -8.69
C LYS A 231 -7.03 -16.22 -8.89
N GLU A 232 -7.54 -17.44 -8.89
CA GLU A 232 -8.98 -17.65 -8.98
C GLU A 232 -9.69 -16.97 -7.82
N SER A 233 -9.08 -17.06 -6.64
CA SER A 233 -9.67 -16.49 -5.43
C SER A 233 -9.74 -14.97 -5.50
N ILE A 234 -8.64 -14.31 -5.85
CA ILE A 234 -8.68 -12.85 -5.88
C ILE A 234 -9.62 -12.39 -7.00
N GLN A 235 -9.70 -13.18 -8.07
CA GLN A 235 -10.58 -12.82 -9.16
C GLN A 235 -12.04 -12.88 -8.74
N LEU A 236 -12.39 -13.87 -7.93
CA LEU A 236 -13.74 -13.99 -7.40
C LEU A 236 -14.09 -12.72 -6.64
N TRP A 237 -13.19 -12.29 -5.78
CA TRP A 237 -13.47 -11.09 -4.99
C TRP A 237 -13.51 -9.83 -5.86
N LEU A 238 -12.64 -9.76 -6.86
CA LEU A 238 -12.71 -8.65 -7.80
C LEU A 238 -14.08 -8.63 -8.48
N ASP A 239 -14.60 -9.81 -8.81
CA ASP A 239 -15.92 -9.91 -9.45
C ASP A 239 -17.05 -9.42 -8.56
N THR A 240 -16.86 -9.47 -7.23
CA THR A 240 -17.90 -8.97 -6.30
C THR A 240 -18.00 -7.45 -6.27
N GLY A 241 -16.99 -6.78 -6.82
CA GLY A 241 -17.01 -5.33 -6.91
C GLY A 241 -16.07 -4.58 -5.97
N ILE A 242 -15.16 -5.29 -5.33
CA ILE A 242 -14.16 -4.61 -4.50
C ILE A 242 -13.35 -3.62 -5.32
N ASP A 243 -12.79 -2.61 -4.66
CA ASP A 243 -12.18 -1.47 -5.35
C ASP A 243 -10.70 -1.32 -5.05
N GLY A 244 -10.17 -2.22 -4.23
CA GLY A 244 -8.78 -2.11 -3.82
C GLY A 244 -8.40 -3.30 -2.98
N ILE A 245 -7.09 -3.54 -2.88
CA ILE A 245 -6.60 -4.69 -2.13
C ILE A 245 -5.42 -4.28 -1.26
N ARG A 246 -5.44 -4.70 0.00
CA ARG A 246 -4.28 -4.58 0.87
C ARG A 246 -3.70 -5.97 1.05
N VAL A 247 -2.51 -6.21 0.51
CA VAL A 247 -1.86 -7.50 0.62
C VAL A 247 -1.09 -7.61 1.93
N ASP A 248 -1.38 -8.66 2.70
CA ASP A 248 -0.72 -8.91 3.96
CA ASP A 248 -0.69 -8.85 3.95
C ASP A 248 0.61 -9.64 3.78
N ALA A 249 1.54 -9.41 4.71
CA ALA A 249 2.77 -10.19 4.82
C ALA A 249 3.66 -10.13 3.59
N VAL A 250 3.72 -8.97 2.93
CA VAL A 250 4.50 -8.83 1.72
C VAL A 250 6.00 -8.95 2.00
N ALA A 251 6.39 -8.78 3.26
CA ALA A 251 7.79 -8.96 3.63
C ALA A 251 8.17 -10.43 3.70
N HIS A 252 7.20 -11.32 3.51
CA HIS A 252 7.41 -12.76 3.72
C HIS A 252 7.10 -13.62 2.51
N MET A 253 6.99 -12.99 1.34
CA MET A 253 6.79 -13.69 0.09
C MET A 253 7.80 -13.16 -0.93
N PRO A 254 8.18 -14.01 -1.89
CA PRO A 254 9.17 -13.55 -2.87
C PRO A 254 8.61 -12.38 -3.68
N LEU A 255 9.41 -11.34 -3.87
CA LEU A 255 8.97 -10.18 -4.63
C LEU A 255 8.60 -10.60 -6.06
N GLY A 256 9.37 -11.52 -6.62
CA GLY A 256 9.08 -12.04 -7.95
C GLY A 256 7.71 -12.67 -8.07
N TRP A 257 7.32 -13.48 -7.09
CA TRP A 257 5.99 -14.07 -7.11
C TRP A 257 4.92 -12.99 -7.01
N GLN A 258 5.16 -12.02 -6.12
CA GLN A 258 4.18 -10.95 -5.91
C GLN A 258 4.01 -10.08 -7.15
N LYS A 259 5.12 -9.78 -7.82
CA LYS A 259 5.06 -9.00 -9.05
C LYS A 259 4.22 -9.73 -10.10
N ALA A 260 4.47 -11.03 -10.28
CA ALA A 260 3.68 -11.79 -11.24
C ALA A 260 2.21 -11.83 -10.84
N PHE A 261 1.95 -11.95 -9.55
CA PHE A 261 0.59 -12.06 -9.07
C PHE A 261 -0.17 -10.75 -9.26
N ILE A 262 0.43 -9.65 -8.83
CA ILE A 262 -0.26 -8.37 -8.99
C ILE A 262 -0.42 -8.01 -10.47
N SER A 263 0.54 -8.39 -11.31
CA SER A 263 0.40 -8.16 -12.74
CA SER A 263 0.40 -8.14 -12.73
C SER A 263 -0.85 -8.87 -13.26
N SER A 264 -1.14 -10.04 -12.71
CA SER A 264 -2.33 -10.78 -13.15
CA SER A 264 -2.33 -10.79 -13.13
C SER A 264 -3.61 -10.10 -12.65
N VAL A 265 -3.52 -9.46 -11.48
CA VAL A 265 -4.64 -8.69 -10.96
C VAL A 265 -4.88 -7.49 -11.88
N TYR A 266 -3.81 -6.78 -12.23
CA TYR A 266 -3.94 -5.64 -13.14
C TYR A 266 -4.50 -6.07 -14.50
N ASP A 267 -4.10 -7.26 -14.98
CA ASP A 267 -4.59 -7.80 -16.24
CA ASP A 267 -4.61 -7.70 -16.26
C ASP A 267 -6.11 -8.03 -16.20
N TYR A 268 -6.57 -8.51 -15.05
CA TYR A 268 -7.94 -8.98 -14.91
C TYR A 268 -8.95 -7.88 -14.61
N ASN A 269 -8.60 -7.04 -13.64
CA ASN A 269 -9.47 -5.98 -13.20
C ASN A 269 -8.64 -5.09 -12.29
N PRO A 270 -8.01 -4.06 -12.87
CA PRO A 270 -7.02 -3.30 -12.12
C PRO A 270 -7.66 -2.54 -10.96
N VAL A 271 -7.15 -2.73 -9.76
CA VAL A 271 -7.52 -1.91 -8.63
C VAL A 271 -6.25 -1.51 -7.88
N PHE A 272 -6.32 -0.38 -7.18
CA PHE A 272 -5.25 0.08 -6.31
C PHE A 272 -4.87 -1.02 -5.33
N THR A 273 -3.58 -1.35 -5.29
CA THR A 273 -3.10 -2.41 -4.43
C THR A 273 -1.88 -1.96 -3.66
N PHE A 274 -1.88 -2.23 -2.36
CA PHE A 274 -0.76 -1.87 -1.50
C PHE A 274 -0.51 -2.95 -0.48
N GLY A 275 0.73 -3.05 0.01
CA GLY A 275 1.09 -4.13 0.91
C GLY A 275 1.47 -3.61 2.27
N GLU A 276 1.39 -4.48 3.27
CA GLU A 276 1.87 -4.13 4.59
C GLU A 276 3.25 -4.73 4.82
N TRP A 277 4.26 -3.87 4.87
CA TRP A 277 5.62 -4.26 5.17
C TRP A 277 6.04 -3.48 6.41
N PHE A 278 6.02 -4.14 7.57
CA PHE A 278 6.37 -3.45 8.79
C PHE A 278 7.83 -3.02 8.77
N THR A 279 8.07 -1.75 9.06
CA THR A 279 9.44 -1.23 9.12
C THR A 279 9.47 -0.01 10.04
N GLY A 280 10.65 0.57 10.22
CA GLY A 280 10.81 1.72 11.10
C GLY A 280 10.95 3.02 10.36
N ALA A 281 11.32 4.06 11.10
CA ALA A 281 11.44 5.42 10.56
C ALA A 281 12.27 5.48 9.28
N GLN A 282 13.34 4.70 9.21
CA GLN A 282 14.26 4.79 8.06
C GLN A 282 13.98 3.74 6.98
N GLY A 283 12.97 2.90 7.18
CA GLY A 283 12.68 1.84 6.25
C GLY A 283 13.85 0.87 6.14
N SER A 284 13.99 0.24 4.99
CA SER A 284 15.07 -0.72 4.78
C SER A 284 15.30 -0.90 3.29
N ASN A 285 16.40 -1.55 2.94
CA ASN A 285 16.70 -1.82 1.54
C ASN A 285 15.59 -2.63 0.90
N HIS A 286 15.18 -3.72 1.56
CA HIS A 286 14.16 -4.59 0.99
C HIS A 286 12.80 -3.92 0.92
N TYR A 287 12.49 -3.11 1.93
CA TYR A 287 11.25 -2.35 1.95
C TYR A 287 11.20 -1.37 0.77
N HIS A 288 12.29 -0.63 0.58
CA HIS A 288 12.32 0.33 -0.52
C HIS A 288 12.24 -0.35 -1.89
N HIS A 289 12.88 -1.50 -2.04
CA HIS A 289 12.80 -2.29 -3.28
C HIS A 289 11.35 -2.69 -3.53
N PHE A 290 10.65 -3.09 -2.47
CA PHE A 290 9.25 -3.45 -2.60
C PHE A 290 8.43 -2.23 -3.05
N VAL A 291 8.63 -1.11 -2.38
CA VAL A 291 7.88 0.10 -2.68
C VAL A 291 8.07 0.51 -4.14
N ASN A 292 9.30 0.42 -4.63
CA ASN A 292 9.63 0.96 -5.96
C ASN A 292 9.56 -0.06 -7.10
N ASN A 293 9.69 -1.35 -6.78
CA ASN A 293 9.84 -2.36 -7.82
C ASN A 293 8.75 -3.44 -7.90
N SER A 294 7.94 -3.59 -6.86
CA SER A 294 6.96 -4.66 -6.81
C SER A 294 5.81 -4.50 -7.79
N GLY A 295 5.49 -3.25 -8.12
CA GLY A 295 4.31 -2.99 -8.93
C GLY A 295 3.12 -2.58 -8.07
N MET A 296 3.27 -2.67 -6.76
CA MET A 296 2.25 -2.12 -5.87
C MET A 296 2.87 -1.09 -4.91
N SER A 297 2.05 -0.42 -4.12
CA SER A 297 2.60 0.53 -3.16
C SER A 297 2.56 -0.09 -1.77
N ALA A 298 2.89 0.69 -0.76
CA ALA A 298 2.93 0.14 0.61
C ALA A 298 2.28 1.06 1.62
N LEU A 299 2.01 0.49 2.80
CA LEU A 299 1.70 1.30 3.95
C LEU A 299 2.94 2.09 4.33
N ASP A 300 2.80 3.40 4.51
CA ASP A 300 3.96 4.26 4.74
C ASP A 300 4.37 4.24 6.21
N PHE A 301 5.07 3.19 6.59
CA PHE A 301 5.52 3.03 7.97
C PHE A 301 6.56 4.05 8.37
N ARG A 302 7.33 4.56 7.41
CA ARG A 302 8.29 5.62 7.72
C ARG A 302 7.56 6.87 8.24
N TYR A 303 6.52 7.26 7.52
CA TYR A 303 5.68 8.38 7.91
C TYR A 303 5.04 8.11 9.27
N ALA A 304 4.41 6.94 9.41
CA ALA A 304 3.68 6.62 10.64
C ALA A 304 4.56 6.58 11.88
N GLN A 305 5.74 5.98 11.76
N GLN A 305 5.73 5.98 11.77
CA GLN A 305 6.65 5.82 12.89
CA GLN A 305 6.62 5.85 12.91
C GLN A 305 7.21 7.16 13.37
C GLN A 305 7.12 7.21 13.38
N VAL A 306 7.51 8.06 12.44
CA VAL A 306 8.00 9.39 12.81
C VAL A 306 6.87 10.26 13.37
N ALA A 307 5.67 10.13 12.82
CA ALA A 307 4.52 10.83 13.38
C ALA A 307 4.26 10.38 14.82
N GLN A 308 4.35 9.08 15.07
CA GLN A 308 4.19 8.58 16.43
C GLN A 308 5.31 9.04 17.35
N ASP A 309 6.55 8.96 16.86
CA ASP A 309 7.69 9.42 17.66
C ASP A 309 7.50 10.86 18.14
N VAL A 310 7.35 11.76 17.19
CA VAL A 310 7.33 13.19 17.48
C VAL A 310 6.02 13.68 18.07
N LEU A 311 4.90 13.33 17.44
CA LEU A 311 3.62 13.85 17.86
C LEU A 311 3.02 13.07 19.04
N ARG A 312 2.99 11.75 18.93
CA ARG A 312 2.39 10.96 19.99
C ARG A 312 3.29 10.88 21.22
N ASN A 313 4.57 10.58 21.01
CA ASN A 313 5.43 10.23 22.14
C ASN A 313 6.46 11.27 22.55
N GLN A 314 6.40 12.44 21.92
CA GLN A 314 7.22 13.57 22.32
C GLN A 314 8.71 13.28 22.23
N LYS A 315 9.08 12.36 21.34
CA LYS A 315 10.46 12.08 21.02
C LYS A 315 10.86 12.96 19.86
N GLY A 316 12.01 13.62 19.97
CA GLY A 316 12.50 14.47 18.90
C GLY A 316 11.66 15.72 18.69
N THR A 317 11.75 16.29 17.48
CA THR A 317 11.17 17.59 17.20
C THR A 317 10.61 17.64 15.79
N MET A 318 10.00 18.77 15.43
CA MET A 318 9.47 18.96 14.08
C MET A 318 10.56 18.80 13.03
N HIS A 319 11.81 19.03 13.41
CA HIS A 319 12.93 18.81 12.50
C HIS A 319 12.97 17.35 12.04
N ASP A 320 12.58 16.44 12.92
CA ASP A 320 12.53 15.01 12.60
C ASP A 320 11.40 14.71 11.63
N ILE A 321 10.27 15.42 11.78
CA ILE A 321 9.16 15.25 10.86
C ILE A 321 9.56 15.71 9.47
N TYR A 322 10.16 16.89 9.37
CA TYR A 322 10.53 17.34 8.03
C TYR A 322 11.67 16.51 7.40
N ASP A 323 12.64 16.07 8.21
CA ASP A 323 13.65 15.14 7.69
C ASP A 323 12.99 13.93 7.03
N MET A 324 11.96 13.41 7.68
CA MET A 324 11.24 12.24 7.14
C MET A 324 10.53 12.60 5.84
N LEU A 325 9.89 13.76 5.80
CA LEU A 325 9.19 14.18 4.60
C LEU A 325 10.14 14.34 3.41
N ALA A 326 11.27 15.01 3.63
CA ALA A 326 12.26 15.19 2.59
C ALA A 326 12.88 13.86 2.15
N SER A 327 13.19 13.01 3.12
CA SER A 327 13.81 11.73 2.83
C SER A 327 12.89 10.79 2.03
N THR A 328 11.64 10.67 2.47
CA THR A 328 10.69 9.81 1.77
C THR A 328 10.29 10.37 0.40
N GLN A 329 10.30 11.69 0.27
CA GLN A 329 10.00 12.31 -1.03
C GLN A 329 11.06 11.88 -2.04
N LEU A 330 12.28 11.67 -1.55
CA LEU A 330 13.39 11.28 -2.39
C LEU A 330 13.42 9.77 -2.64
N ASP A 331 13.17 9.00 -1.59
CA ASP A 331 13.33 7.55 -1.63
C ASP A 331 12.19 6.80 -2.32
N TYR A 332 11.00 7.39 -2.29
CA TYR A 332 9.84 6.79 -2.93
C TYR A 332 9.69 7.34 -4.34
N GLU A 333 9.61 6.47 -5.34
CA GLU A 333 9.42 6.94 -6.72
C GLU A 333 8.05 7.61 -6.85
N ARG A 334 7.08 7.08 -6.10
CA ARG A 334 5.69 7.54 -6.19
C ARG A 334 5.11 7.78 -4.79
N PRO A 335 5.47 8.91 -4.17
CA PRO A 335 4.98 9.21 -2.81
C PRO A 335 3.47 9.23 -2.73
N GLN A 336 2.82 9.69 -3.80
CA GLN A 336 1.38 9.84 -3.84
C GLN A 336 0.62 8.51 -3.79
N ASP A 337 1.32 7.40 -4.03
CA ASP A 337 0.71 6.08 -4.07
C ASP A 337 0.79 5.35 -2.73
N GLN A 338 1.60 5.85 -1.80
CA GLN A 338 1.77 5.19 -0.52
C GLN A 338 0.60 5.51 0.40
N VAL A 339 0.26 4.58 1.29
CA VAL A 339 -0.88 4.78 2.17
C VAL A 339 -0.39 5.21 3.54
N THR A 340 -0.67 6.46 3.90
CA THR A 340 -0.18 7.00 5.15
C THR A 340 -1.14 6.72 6.30
N PHE A 341 -0.63 6.81 7.52
CA PHE A 341 -1.45 6.58 8.70
C PHE A 341 -0.70 7.06 9.92
N ILE A 342 -1.41 7.29 11.03
CA ILE A 342 -0.75 7.65 12.28
C ILE A 342 -0.96 6.58 13.34
N ASP A 343 -1.88 5.66 13.08
CA ASP A 343 -1.98 4.41 13.83
C ASP A 343 -2.68 3.34 13.00
N ASN A 344 -2.64 2.11 13.48
CA ASN A 344 -3.13 0.97 12.73
CA ASN A 344 -3.31 1.03 12.79
C ASN A 344 -3.35 -0.21 13.66
N HIS A 345 -3.86 -1.30 13.09
CA HIS A 345 -4.11 -2.51 13.87
C HIS A 345 -2.85 -3.09 14.48
N ASP A 346 -1.68 -2.59 14.09
CA ASP A 346 -0.43 -3.16 14.61
C ASP A 346 0.55 -2.17 15.25
N ILE A 347 0.08 -0.95 15.56
CA ILE A 347 0.84 -0.06 16.45
C ILE A 347 -0.09 0.58 17.48
N ASP A 348 0.49 1.28 18.46
CA ASP A 348 -0.30 1.90 19.52
C ASP A 348 -1.31 2.90 18.97
N ARG A 349 -2.47 2.96 19.60
CA ARG A 349 -3.46 3.98 19.29
C ARG A 349 -2.82 5.35 19.47
N PHE A 350 -3.08 6.25 18.53
CA PHE A 350 -2.45 7.56 18.55
C PHE A 350 -2.86 8.40 19.75
N THR A 351 -4.09 8.21 20.22
CA THR A 351 -4.59 8.97 21.37
C THR A 351 -4.06 8.38 22.67
N VAL A 352 -3.26 9.17 23.39
CA VAL A 352 -2.71 8.73 24.67
C VAL A 352 -3.72 8.99 25.80
N GLU A 353 -3.91 7.99 26.65
CA GLU A 353 -4.85 8.10 27.75
C GLU A 353 -4.44 9.21 28.71
N GLY A 354 -5.40 10.04 29.11
CA GLY A 354 -5.18 11.06 30.12
C GLY A 354 -4.46 12.31 29.64
N ARG A 355 -4.46 12.53 28.33
CA ARG A 355 -3.81 13.69 27.73
CA ARG A 355 -3.83 13.71 27.75
C ARG A 355 -4.79 14.50 26.88
N ASP A 356 -4.56 15.80 26.78
CA ASP A 356 -5.37 16.67 25.93
C ASP A 356 -5.48 16.04 24.55
N THR A 357 -6.72 15.77 24.12
CA THR A 357 -6.94 15.13 22.83
C THR A 357 -6.68 16.04 21.64
N ARG A 358 -6.35 17.31 21.89
CA ARG A 358 -5.98 18.22 20.81
C ARG A 358 -4.85 17.60 19.97
N THR A 359 -3.99 16.82 20.62
CA THR A 359 -2.89 16.20 19.91
C THR A 359 -3.35 15.23 18.81
N THR A 360 -4.44 14.50 19.07
CA THR A 360 -5.01 13.62 18.05
C THR A 360 -5.60 14.45 16.90
N ASP A 361 -6.27 15.55 17.25
CA ASP A 361 -6.78 16.47 16.24
C ASP A 361 -5.66 16.96 15.32
N ILE A 362 -4.53 17.31 15.93
CA ILE A 362 -3.36 17.78 15.18
C ILE A 362 -2.79 16.67 14.30
N GLY A 363 -2.72 15.47 14.85
CA GLY A 363 -2.23 14.32 14.08
C GLY A 363 -3.08 14.06 12.86
N LEU A 364 -4.39 14.17 13.02
CA LEU A 364 -5.32 13.97 11.91
C LEU A 364 -5.16 15.05 10.85
N ALA A 365 -5.04 16.30 11.28
CA ALA A 365 -4.87 17.41 10.36
C ALA A 365 -3.60 17.22 9.51
N PHE A 366 -2.52 16.85 10.17
CA PHE A 366 -1.25 16.53 9.51
C PHE A 366 -1.44 15.41 8.49
N LEU A 367 -2.00 14.30 8.96
CA LEU A 367 -2.26 13.15 8.10
C LEU A 367 -3.04 13.54 6.84
N LEU A 368 -4.14 14.24 7.02
CA LEU A 368 -5.06 14.51 5.92
C LEU A 368 -4.49 15.46 4.88
N THR A 369 -3.53 16.29 5.28
CA THR A 369 -2.96 17.28 4.36
C THR A 369 -1.59 16.89 3.80
N SER A 370 -1.10 15.72 4.18
CA SER A 370 0.23 15.27 3.77
C SER A 370 0.16 14.45 2.49
N ARG A 371 1.32 14.28 1.86
CA ARG A 371 1.40 13.50 0.64
C ARG A 371 1.07 12.04 0.95
N GLY A 372 0.51 11.35 -0.05
CA GLY A 372 0.15 9.95 0.12
C GLY A 372 -1.31 9.83 0.50
N VAL A 373 -1.84 8.62 0.40
CA VAL A 373 -3.26 8.35 0.62
C VAL A 373 -3.54 8.08 2.10
N PRO A 374 -4.26 8.99 2.77
CA PRO A 374 -4.40 8.83 4.22
C PRO A 374 -5.40 7.74 4.62
N ALA A 375 -5.03 6.95 5.63
CA ALA A 375 -5.92 5.93 6.19
C ALA A 375 -6.14 6.17 7.67
N ILE A 376 -7.38 6.51 8.01
CA ILE A 376 -7.77 6.76 9.40
C ILE A 376 -8.22 5.45 10.02
N TYR A 377 -7.68 5.14 11.20
CA TYR A 377 -8.00 3.90 11.89
C TYR A 377 -9.30 4.09 12.69
N TYR A 378 -10.23 3.15 12.56
CA TYR A 378 -11.56 3.31 13.15
C TYR A 378 -11.42 3.68 14.63
N GLY A 379 -12.20 4.66 15.07
CA GLY A 379 -12.18 5.04 16.46
C GLY A 379 -11.20 6.14 16.82
N THR A 380 -10.30 6.48 15.90
CA THR A 380 -9.39 7.62 16.15
C THR A 380 -10.24 8.86 16.38
N GLU A 381 -11.31 8.97 15.62
CA GLU A 381 -12.14 10.16 15.61
C GLU A 381 -12.97 10.31 16.88
N ASN A 382 -13.03 9.27 17.71
N ASN A 382 -13.00 9.24 17.68
CA ASN A 382 -13.66 9.43 19.01
CA ASN A 382 -13.65 9.26 18.98
C ASN A 382 -12.65 9.20 20.14
C ASN A 382 -12.64 9.05 20.11
N TYR A 383 -11.37 9.30 19.78
CA TYR A 383 -10.29 9.28 20.76
C TYR A 383 -10.13 7.98 21.53
N MET A 384 -10.31 6.86 20.85
CA MET A 384 -10.08 5.56 21.47
C MET A 384 -8.61 5.36 21.81
N THR A 385 -8.35 4.76 22.97
CA THR A 385 -6.98 4.55 23.42
C THR A 385 -6.68 3.05 23.50
N GLY A 386 -5.40 2.72 23.58
CA GLY A 386 -5.01 1.32 23.70
C GLY A 386 -3.64 1.04 23.13
N LYS A 387 -2.80 0.42 23.94
CA LYS A 387 -1.43 0.08 23.53
C LYS A 387 -1.32 -1.40 23.18
N GLY A 388 -0.56 -1.69 22.13
CA GLY A 388 -0.30 -3.06 21.73
C GLY A 388 -1.49 -3.77 21.12
N ASP A 389 -1.29 -5.04 20.79
CA ASP A 389 -2.32 -5.92 20.24
C ASP A 389 -2.70 -6.90 21.34
N PRO A 390 -4.01 -7.09 21.59
CA PRO A 390 -5.16 -6.52 20.91
C PRO A 390 -5.73 -5.28 21.59
N GLY A 391 -4.97 -4.65 22.47
CA GLY A 391 -5.42 -3.46 23.18
C GLY A 391 -5.81 -2.34 22.24
N ASN A 392 -5.25 -2.34 21.04
CA ASN A 392 -5.57 -1.33 20.02
C ASN A 392 -6.73 -1.72 19.11
N ARG A 393 -7.46 -2.77 19.48
CA ARG A 393 -8.58 -3.24 18.68
C ARG A 393 -9.86 -3.39 19.51
N LYS A 394 -10.14 -2.43 20.38
CA LYS A 394 -11.34 -2.51 21.19
C LYS A 394 -12.58 -2.27 20.32
N MET A 395 -13.74 -2.69 20.84
CA MET A 395 -15.00 -2.45 20.17
C MET A 395 -15.23 -0.94 20.04
N MET A 396 -15.59 -0.50 18.84
CA MET A 396 -15.92 0.88 18.59
C MET A 396 -16.84 1.39 19.70
N GLU A 397 -16.41 2.46 20.36
CA GLU A 397 -17.06 2.93 21.59
C GLU A 397 -18.44 3.54 21.35
N SER A 398 -18.48 4.62 20.58
CA SER A 398 -19.73 5.25 20.19
C SER A 398 -19.58 5.84 18.80
N PHE A 399 -20.64 6.45 18.30
CA PHE A 399 -20.61 7.05 16.97
C PHE A 399 -20.92 8.53 17.05
N ASP A 400 -19.97 9.26 17.62
CA ASP A 400 -20.14 10.66 17.99
C ASP A 400 -19.66 11.57 16.88
N GLN A 401 -20.61 12.22 16.20
CA GLN A 401 -20.25 13.09 15.09
C GLN A 401 -19.86 14.49 15.56
N THR A 402 -19.88 14.71 16.87
CA THR A 402 -19.65 16.05 17.40
C THR A 402 -18.24 16.27 17.95
N THR A 403 -17.39 15.24 17.86
CA THR A 403 -16.02 15.41 18.32
C THR A 403 -15.31 16.41 17.41
N THR A 404 -14.28 17.05 17.94
CA THR A 404 -13.45 17.93 17.15
C THR A 404 -12.81 17.13 16.02
N ALA A 405 -12.35 15.92 16.36
CA ALA A 405 -11.67 15.08 15.38
C ALA A 405 -12.56 14.75 14.17
N TYR A 406 -13.82 14.41 14.44
CA TYR A 406 -14.77 14.12 13.36
C TYR A 406 -14.93 15.34 12.46
N GLN A 407 -15.02 16.52 13.08
CA GLN A 407 -15.16 17.76 12.32
C GLN A 407 -13.89 18.10 11.54
N VAL A 408 -12.73 17.77 12.09
CA VAL A 408 -11.47 18.01 11.40
C VAL A 408 -11.45 17.20 10.11
N ILE A 409 -11.86 15.94 10.19
CA ILE A 409 -11.92 15.08 9.02
C ILE A 409 -12.92 15.64 7.99
N GLN A 410 -14.06 16.12 8.49
CA GLN A 410 -15.08 16.70 7.62
C GLN A 410 -14.53 17.87 6.82
N LYS A 411 -13.71 18.69 7.46
CA LYS A 411 -13.19 19.89 6.80
C LYS A 411 -12.04 19.58 5.84
N LEU A 412 -11.22 18.60 6.19
CA LEU A 412 -9.99 18.37 5.41
C LEU A 412 -10.06 17.25 4.38
N ALA A 413 -10.86 16.22 4.63
CA ALA A 413 -10.96 15.12 3.66
C ALA A 413 -11.29 15.61 2.25
N PRO A 414 -12.22 16.57 2.13
CA PRO A 414 -12.63 17.05 0.80
C PRO A 414 -11.51 17.73 0.02
N LEU A 415 -10.49 18.22 0.70
CA LEU A 415 -9.42 18.95 0.00
C LEU A 415 -8.74 18.09 -1.06
N ARG A 416 -8.63 16.79 -0.79
CA ARG A 416 -7.91 15.90 -1.69
C ARG A 416 -8.60 15.79 -3.04
N GLN A 417 -9.90 16.07 -3.06
CA GLN A 417 -10.68 15.93 -4.28
C GLN A 417 -10.76 17.25 -5.04
N GLU A 418 -10.54 18.36 -4.34
CA GLU A 418 -10.70 19.67 -4.96
C GLU A 418 -9.37 20.39 -5.21
N ASN A 419 -8.32 19.96 -4.53
CA ASN A 419 -7.04 20.65 -4.58
C ASN A 419 -5.93 19.68 -4.98
N LYS A 420 -5.37 19.88 -6.16
CA LYS A 420 -4.42 18.91 -6.68
C LYS A 420 -3.08 18.94 -5.95
N ALA A 421 -2.79 20.04 -5.28
CA ALA A 421 -1.58 20.09 -4.45
C ALA A 421 -1.67 19.08 -3.30
N VAL A 422 -2.87 18.90 -2.75
CA VAL A 422 -3.02 17.95 -1.65
C VAL A 422 -2.91 16.49 -2.15
N ALA A 423 -3.53 16.23 -3.29
CA ALA A 423 -3.52 14.89 -3.87
C ALA A 423 -2.16 14.49 -4.44
N TYR A 424 -1.50 15.43 -5.13
CA TYR A 424 -0.33 15.08 -5.94
C TYR A 424 0.94 15.87 -5.64
N GLY A 425 0.82 16.94 -4.85
CA GLY A 425 1.91 17.87 -4.73
C GLY A 425 3.14 17.41 -3.98
N SER A 426 4.27 18.05 -4.27
CA SER A 426 5.48 17.87 -3.49
C SER A 426 5.27 18.61 -2.17
N THR A 427 6.30 18.60 -1.33
CA THR A 427 6.24 19.24 -0.02
C THR A 427 7.49 20.07 0.20
N LYS A 428 7.31 21.30 0.70
CA LYS A 428 8.42 22.19 1.01
C LYS A 428 8.27 22.77 2.40
N GLU A 429 9.38 22.89 3.12
CA GLU A 429 9.36 23.52 4.44
C GLU A 429 9.46 25.04 4.29
N ARG A 430 8.51 25.76 4.88
CA ARG A 430 8.52 27.23 4.83
C ARG A 430 8.93 27.87 6.16
N TRP A 431 8.71 27.16 7.26
CA TRP A 431 9.08 27.67 8.58
C TRP A 431 9.18 26.48 9.52
N ILE A 432 10.14 26.50 10.42
CA ILE A 432 10.31 25.39 11.35
C ILE A 432 11.05 25.81 12.60
N ASN A 433 10.61 25.28 13.74
CA ASN A 433 11.44 25.19 14.93
C ASN A 433 11.09 23.88 15.64
N ASP A 434 11.48 23.73 16.91
CA ASP A 434 11.24 22.45 17.55
C ASP A 434 9.78 22.04 17.59
N ASP A 435 8.88 23.01 17.74
CA ASP A 435 7.47 22.72 17.94
C ASP A 435 6.60 23.05 16.73
N VAL A 436 7.13 23.83 15.80
CA VAL A 436 6.34 24.35 14.70
C VAL A 436 6.85 23.83 13.35
N LEU A 437 5.92 23.43 12.50
CA LEU A 437 6.25 23.15 11.11
C LEU A 437 5.22 23.83 10.23
N ILE A 438 5.69 24.62 9.26
CA ILE A 438 4.82 25.21 8.28
C ILE A 438 5.28 24.70 6.93
N TYR A 439 4.42 23.90 6.30
CA TYR A 439 4.78 23.28 5.02
C TYR A 439 3.84 23.66 3.91
N GLU A 440 4.39 23.67 2.69
CA GLU A 440 3.64 24.06 1.50
C GLU A 440 3.60 22.89 0.50
N ARG A 441 2.43 22.62 -0.06
CA ARG A 441 2.32 21.64 -1.14
C ARG A 441 1.91 22.43 -2.39
N SER A 442 2.37 21.99 -3.55
CA SER A 442 1.96 22.65 -4.79
C SER A 442 1.88 21.68 -5.96
N PHE A 443 0.97 21.96 -6.87
CA PHE A 443 0.80 21.17 -8.08
C PHE A 443 0.13 22.04 -9.15
N ASN A 444 0.86 22.32 -10.21
CA ASN A 444 0.33 23.08 -11.35
C ASN A 444 -0.57 24.26 -10.98
N GLY A 445 -0.09 25.12 -10.09
CA GLY A 445 -0.86 26.29 -9.73
C GLY A 445 -1.81 26.15 -8.56
N ASP A 446 -2.08 24.92 -8.13
CA ASP A 446 -2.83 24.71 -6.89
C ASP A 446 -1.83 24.71 -5.74
N TYR A 447 -2.24 25.23 -4.58
CA TYR A 447 -1.35 25.30 -3.42
C TYR A 447 -2.04 24.94 -2.11
N LEU A 448 -1.27 24.41 -1.17
CA LEU A 448 -1.70 24.25 0.21
C LEU A 448 -0.58 24.75 1.10
N LEU A 449 -0.94 25.47 2.16
CA LEU A 449 0.02 25.88 3.17
C LEU A 449 -0.56 25.53 4.53
N VAL A 450 0.20 24.80 5.33
CA VAL A 450 -0.29 24.33 6.62
C VAL A 450 0.68 24.71 7.71
N ALA A 451 0.16 25.32 8.77
CA ALA A 451 0.97 25.69 9.93
C ALA A 451 0.50 24.85 11.12
N ILE A 452 1.43 24.15 11.75
CA ILE A 452 1.13 23.31 12.90
C ILE A 452 2.05 23.67 14.06
N ASN A 453 1.47 23.93 15.23
CA ASN A 453 2.24 24.05 16.46
C ASN A 453 1.84 22.91 17.39
N LYS A 454 2.73 21.94 17.56
CA LYS A 454 2.40 20.75 18.35
C LYS A 454 2.43 21.00 19.86
N ASN A 455 3.03 22.11 20.27
CA ASN A 455 3.08 22.44 21.69
C ASN A 455 1.77 23.07 22.17
N VAL A 456 1.06 22.34 23.04
CA VAL A 456 -0.23 22.83 23.52
C VAL A 456 -0.10 23.84 24.66
N ASN A 457 1.15 24.13 25.05
CA ASN A 457 1.41 25.01 26.19
C ASN A 457 2.11 26.31 25.84
N GLN A 458 2.45 26.48 24.57
CA GLN A 458 3.28 27.61 24.18
C GLN A 458 2.91 28.15 22.80
N ALA A 459 2.95 29.47 22.64
CA ALA A 459 2.70 30.10 21.36
C ALA A 459 4.01 30.62 20.77
N TYR A 460 4.04 30.82 19.46
CA TYR A 460 5.24 31.26 18.77
C TYR A 460 4.94 32.35 17.76
N THR A 461 5.78 33.37 17.74
CA THR A 461 5.65 34.42 16.75
C THR A 461 6.35 33.99 15.47
N ILE A 462 5.60 33.99 14.38
CA ILE A 462 6.14 33.58 13.09
C ILE A 462 6.49 34.80 12.23
N SER A 463 7.78 35.00 11.99
CA SER A 463 8.25 36.10 11.14
CA SER A 463 8.21 36.10 11.12
C SER A 463 9.06 35.56 9.97
N GLY A 464 9.10 36.30 8.87
CA GLY A 464 9.90 35.91 7.72
C GLY A 464 9.33 34.79 6.86
N LEU A 465 8.07 34.42 7.11
CA LEU A 465 7.44 33.37 6.31
C LEU A 465 7.31 33.77 4.84
N LEU A 466 7.71 32.87 3.94
CA LEU A 466 7.53 33.06 2.50
C LEU A 466 6.62 31.96 1.96
N THR A 467 5.84 32.29 0.94
CA THR A 467 5.02 31.29 0.27
C THR A 467 4.92 31.58 -1.22
N GLU A 468 4.68 30.54 -2.01
CA GLU A 468 4.50 30.69 -3.44
CA GLU A 468 4.50 30.71 -3.45
C GLU A 468 3.03 30.92 -3.80
N MET A 469 2.16 30.89 -2.80
CA MET A 469 0.75 31.15 -3.07
C MET A 469 0.55 32.58 -3.53
N PRO A 470 -0.41 32.79 -4.44
CA PRO A 470 -0.66 34.14 -4.99
C PRO A 470 -1.11 35.10 -3.91
N ALA A 471 -0.83 36.39 -4.12
CA ALA A 471 -1.17 37.40 -3.13
C ALA A 471 -2.67 37.50 -2.92
N GLN A 472 -3.09 37.39 -1.66
CA GLN A 472 -4.47 37.61 -1.25
C GLN A 472 -4.59 37.28 0.23
N VAL A 473 -5.77 37.49 0.79
CA VAL A 473 -6.05 37.04 2.15
C VAL A 473 -6.66 35.65 2.10
N TYR A 474 -6.04 34.71 2.82
CA TYR A 474 -6.53 33.34 2.87
C TYR A 474 -7.19 33.08 4.21
N HIS A 475 -8.29 32.33 4.19
CA HIS A 475 -8.98 31.97 5.42
C HIS A 475 -8.73 30.52 5.79
N ASP A 476 -8.68 30.26 7.09
CA ASP A 476 -8.43 28.91 7.60
C ASP A 476 -9.50 27.93 7.13
N VAL A 477 -9.07 26.88 6.45
CA VAL A 477 -10.00 25.86 5.95
C VAL A 477 -10.66 25.14 7.12
N LEU A 478 -10.01 25.12 8.27
CA LEU A 478 -10.57 24.50 9.46
C LEU A 478 -11.58 25.40 10.18
N ASP A 479 -11.79 26.62 9.68
CA ASP A 479 -12.75 27.53 10.30
C ASP A 479 -12.46 27.70 11.80
N SER A 480 -11.17 27.74 12.13
CA SER A 480 -10.72 28.01 13.50
C SER A 480 -11.07 26.88 14.46
N LEU A 481 -11.41 25.72 13.90
CA LEU A 481 -11.71 24.55 14.70
C LEU A 481 -10.53 24.24 15.63
N LEU A 482 -9.32 24.40 15.10
CA LEU A 482 -8.10 24.21 15.88
C LEU A 482 -7.37 25.54 16.10
N ASP A 483 -8.16 26.59 16.34
CA ASP A 483 -7.67 27.93 16.70
C ASP A 483 -6.96 28.64 15.56
N GLY A 484 -7.19 28.17 14.34
CA GLY A 484 -6.56 28.73 13.15
C GLY A 484 -6.98 30.16 12.83
N GLN A 485 -6.27 30.77 11.89
CA GLN A 485 -6.45 32.19 11.59
C GLN A 485 -6.24 32.47 10.11
N SER A 486 -6.48 33.71 9.70
CA SER A 486 -6.27 34.11 8.32
C SER A 486 -4.79 34.35 8.01
N LEU A 487 -4.47 34.39 6.73
CA LEU A 487 -3.11 34.63 6.27
C LEU A 487 -3.13 35.64 5.13
N ALA A 488 -2.42 36.74 5.31
CA ALA A 488 -2.32 37.75 4.25
C ALA A 488 -0.99 37.62 3.53
N VAL A 489 -1.06 37.15 2.29
CA VAL A 489 0.13 36.98 1.46
C VAL A 489 0.30 38.16 0.51
N LYS A 490 1.52 38.68 0.42
CA LYS A 490 1.79 39.86 -0.39
C LYS A 490 2.34 39.49 -1.76
N GLU A 491 2.44 40.47 -2.65
CA GLU A 491 2.86 40.22 -4.03
C GLU A 491 4.23 39.54 -4.12
N ASN A 492 5.13 39.88 -3.21
CA ASN A 492 6.47 39.30 -3.24
C ASN A 492 6.62 38.00 -2.46
N GLY A 493 5.49 37.44 -2.01
CA GLY A 493 5.49 36.16 -1.33
C GLY A 493 5.64 36.23 0.18
N THR A 494 5.85 37.42 0.71
CA THR A 494 6.01 37.58 2.15
C THR A 494 4.67 37.63 2.89
N VAL A 495 4.73 37.47 4.20
CA VAL A 495 3.55 37.56 5.04
CA VAL A 495 3.56 37.48 5.07
C VAL A 495 3.90 38.24 6.35
N ASP A 496 3.01 39.11 6.83
CA ASP A 496 3.28 39.83 8.07
C ASP A 496 3.39 38.87 9.26
N SER A 497 4.12 39.27 10.30
CA SER A 497 4.22 38.46 11.51
C SER A 497 2.85 38.09 12.05
N PHE A 498 2.73 36.86 12.55
CA PHE A 498 1.53 36.46 13.26
C PHE A 498 1.89 35.57 14.42
N LEU A 499 0.95 35.41 15.34
CA LEU A 499 1.15 34.54 16.49
C LEU A 499 0.49 33.19 16.25
N LEU A 500 1.30 32.13 16.26
CA LEU A 500 0.78 30.78 16.13
C LEU A 500 0.50 30.24 17.53
N GLY A 501 -0.78 30.09 17.87
CA GLY A 501 -1.17 29.75 19.23
C GLY A 501 -0.81 28.34 19.66
N PRO A 502 -0.92 28.06 20.96
CA PRO A 502 -0.64 26.71 21.46
C PRO A 502 -1.56 25.67 20.84
N GLY A 503 -0.97 24.64 20.26
CA GLY A 503 -1.74 23.58 19.63
C GLY A 503 -2.50 24.02 18.40
N GLU A 504 -2.15 25.17 17.83
CA GLU A 504 -2.87 25.67 16.66
C GLU A 504 -2.54 24.92 15.36
N VAL A 505 -3.56 24.67 14.55
CA VAL A 505 -3.35 24.30 13.15
C VAL A 505 -4.16 25.25 12.29
N SER A 506 -3.50 25.85 11.30
CA SER A 506 -4.17 26.66 10.27
C SER A 506 -3.93 26.02 8.92
N VAL A 507 -4.96 25.95 8.09
CA VAL A 507 -4.82 25.38 6.76
C VAL A 507 -5.30 26.39 5.72
N TRP A 508 -4.42 26.70 4.77
CA TRP A 508 -4.74 27.70 3.75
C TRP A 508 -4.54 27.08 2.38
N GLN A 509 -5.37 27.48 1.42
CA GLN A 509 -5.29 26.88 0.10
C GLN A 509 -5.62 27.85 -1.02
N HIS A 510 -5.06 27.56 -2.20
CA HIS A 510 -5.40 28.27 -3.41
C HIS A 510 -5.64 27.24 -4.51
N ILE A 511 -6.79 27.35 -5.17
CA ILE A 511 -7.11 26.47 -6.28
C ILE A 511 -7.19 27.32 -7.56
N SER A 512 -6.47 26.92 -8.60
CA SER A 512 -6.50 27.65 -9.86
C SER A 512 -7.27 26.87 -10.91
N GLU A 513 -7.66 27.55 -12.00
CA GLU A 513 -8.34 26.89 -13.11
C GLU A 513 -7.42 25.88 -13.81
N SER A 514 -7.97 25.15 -14.77
CA SER A 514 -7.21 24.17 -15.55
C SER A 514 -5.83 24.71 -15.93
N GLY A 515 -4.80 24.23 -15.22
CA GLY A 515 -3.47 24.79 -15.32
C GLY A 515 -2.88 24.93 -16.71
N SER A 516 -1.87 25.77 -16.81
CA SER A 516 -1.07 25.85 -18.03
C SER A 516 0.13 24.92 -17.84
N ALA A 517 0.62 24.36 -18.93
CA ALA A 517 1.67 23.36 -18.88
C ALA A 517 1.14 22.08 -18.24
N PRO A 518 1.30 20.96 -18.95
CA PRO A 518 0.84 19.68 -18.40
C PRO A 518 1.70 19.23 -17.25
N VAL A 519 1.08 18.65 -16.23
CA VAL A 519 1.80 18.04 -15.12
C VAL A 519 1.11 16.73 -14.79
N ILE A 520 1.90 15.65 -14.71
CA ILE A 520 1.36 14.35 -14.35
C ILE A 520 1.47 14.16 -12.83
N GLY A 521 0.36 13.81 -12.21
CA GLY A 521 0.32 13.58 -10.78
C GLY A 521 0.30 12.11 -10.38
N GLN A 522 -0.31 11.25 -11.19
CA GLN A 522 -0.39 9.83 -10.88
C GLN A 522 -0.65 9.03 -12.14
N VAL A 523 -0.09 7.82 -12.20
CA VAL A 523 -0.37 6.89 -13.29
C VAL A 523 -0.79 5.56 -12.68
N GLY A 524 -1.92 5.03 -13.13
CA GLY A 524 -2.43 3.79 -12.55
C GLY A 524 -3.03 2.85 -13.60
N PRO A 525 -2.76 1.54 -13.48
CA PRO A 525 -1.80 0.95 -12.53
C PRO A 525 -0.41 1.47 -12.84
N PRO A 526 0.54 1.26 -11.92
CA PRO A 526 1.89 1.79 -12.11
C PRO A 526 2.79 0.86 -12.91
N MET A 527 2.20 -0.23 -13.41
CA MET A 527 2.94 -1.27 -14.11
C MET A 527 1.97 -1.89 -15.10
N GLY A 528 2.49 -2.33 -16.25
CA GLY A 528 1.63 -3.01 -17.21
C GLY A 528 2.38 -3.54 -18.40
N LYS A 529 1.72 -4.39 -19.19
CA LYS A 529 2.29 -4.94 -20.41
C LYS A 529 1.72 -4.23 -21.65
N PRO A 530 2.38 -4.39 -22.80
CA PRO A 530 1.85 -3.74 -24.00
C PRO A 530 0.38 -4.08 -24.25
N GLY A 531 -0.40 -3.06 -24.60
CA GLY A 531 -1.80 -3.23 -24.87
C GLY A 531 -2.70 -2.94 -23.68
N ASP A 532 -2.13 -2.97 -22.47
CA ASP A 532 -2.90 -2.66 -21.26
C ASP A 532 -3.33 -1.21 -21.25
N ALA A 533 -4.57 -0.94 -20.84
CA ALA A 533 -5.01 0.45 -20.64
C ALA A 533 -4.52 0.98 -19.30
N VAL A 534 -4.03 2.21 -19.33
CA VAL A 534 -3.48 2.86 -18.15
C VAL A 534 -4.02 4.29 -18.08
N LYS A 535 -4.28 4.78 -16.88
N LYS A 535 -4.27 4.78 -16.87
CA LYS A 535 -4.82 6.13 -16.70
CA LYS A 535 -4.82 6.13 -16.69
C LYS A 535 -3.76 7.10 -16.18
C LYS A 535 -3.77 7.10 -16.17
N ILE A 536 -3.58 8.20 -16.91
CA ILE A 536 -2.66 9.26 -16.51
C ILE A 536 -3.50 10.39 -15.92
N SER A 537 -3.25 10.73 -14.66
CA SER A 537 -4.02 11.77 -14.00
C SER A 537 -3.13 12.97 -13.67
N GLY A 538 -3.67 14.17 -13.84
CA GLY A 538 -2.91 15.37 -13.56
C GLY A 538 -3.73 16.61 -13.83
N SER A 539 -3.11 17.59 -14.49
CA SER A 539 -3.84 18.74 -14.99
C SER A 539 -3.03 19.47 -16.04
N GLY A 540 -3.68 20.39 -16.75
CA GLY A 540 -3.02 21.16 -17.78
C GLY A 540 -2.77 20.41 -19.07
N PHE A 541 -3.43 19.25 -19.24
CA PHE A 541 -3.23 18.43 -20.44
C PHE A 541 -3.85 19.07 -21.69
N GLY A 542 -4.79 19.98 -21.48
CA GLY A 542 -5.54 20.56 -22.58
C GLY A 542 -6.72 19.66 -22.95
N SER A 543 -7.64 20.21 -23.75
CA SER A 543 -8.88 19.51 -24.05
C SER A 543 -8.73 18.52 -25.20
N GLU A 544 -7.76 18.77 -26.07
CA GLU A 544 -7.60 17.99 -27.30
C GLU A 544 -6.31 17.17 -27.26
N PRO A 545 -6.36 15.95 -27.82
CA PRO A 545 -5.21 15.05 -27.84
C PRO A 545 -3.93 15.73 -28.27
N GLY A 546 -2.93 15.66 -27.41
CA GLY A 546 -1.58 15.99 -27.77
C GLY A 546 -0.89 14.66 -27.99
N THR A 547 0.24 14.47 -27.33
CA THR A 547 0.97 13.23 -27.49
C THR A 547 1.40 12.69 -26.14
N VAL A 548 1.53 11.36 -26.07
CA VAL A 548 2.09 10.73 -24.89
C VAL A 548 3.27 9.86 -25.31
N TYR A 549 4.32 9.87 -24.51
CA TYR A 549 5.52 9.08 -24.80
C TYR A 549 5.91 8.20 -23.63
N PHE A 550 6.40 7.01 -23.95
CA PHE A 550 7.17 6.20 -23.01
C PHE A 550 8.58 6.16 -23.55
N ARG A 551 9.52 6.66 -22.77
CA ARG A 551 10.87 6.88 -23.26
C ARG A 551 10.70 7.74 -24.51
N ASP A 552 11.14 7.27 -25.67
CA ASP A 552 10.98 8.04 -26.89
C ASP A 552 9.98 7.40 -27.86
N THR A 553 9.09 6.57 -27.33
CA THR A 553 8.09 5.90 -28.15
C THR A 553 6.71 6.55 -27.98
N LYS A 554 6.07 6.91 -29.08
CA LYS A 554 4.72 7.49 -29.05
C LYS A 554 3.71 6.42 -28.63
N ILE A 555 2.72 6.82 -27.84
CA ILE A 555 1.75 5.89 -27.29
C ILE A 555 0.36 6.18 -27.83
N ASP A 556 -0.45 5.14 -28.01
CA ASP A 556 -1.82 5.36 -28.47
CA ASP A 556 -1.84 5.29 -28.44
C ASP A 556 -2.69 5.91 -27.35
N VAL A 557 -3.44 6.96 -27.70
CA VAL A 557 -4.36 7.61 -26.78
C VAL A 557 -5.78 7.11 -27.01
N LEU A 558 -6.44 6.70 -25.93
CA LEU A 558 -7.86 6.32 -26.01
C LEU A 558 -8.75 7.54 -25.77
N THR A 559 -8.56 8.19 -24.62
CA THR A 559 -9.35 9.37 -24.28
C THR A 559 -8.44 10.45 -23.69
N TRP A 560 -8.84 11.71 -23.82
CA TRP A 560 -8.00 12.82 -23.40
C TRP A 560 -8.86 13.99 -22.94
N ASP A 561 -8.63 14.46 -21.71
CA ASP A 561 -9.14 15.76 -21.29
C ASP A 561 -8.10 16.42 -20.39
N ASP A 562 -8.43 17.60 -19.84
CA ASP A 562 -7.42 18.39 -19.16
C ASP A 562 -6.76 17.71 -17.96
N GLU A 563 -7.48 16.78 -17.32
CA GLU A 563 -7.01 16.17 -16.07
C GLU A 563 -6.79 14.66 -16.17
N THR A 564 -7.23 14.05 -17.27
CA THR A 564 -7.19 12.60 -17.41
C THR A 564 -6.92 12.19 -18.85
N ILE A 565 -5.91 11.34 -19.03
CA ILE A 565 -5.64 10.73 -20.32
C ILE A 565 -5.58 9.21 -20.14
N VAL A 566 -6.31 8.48 -20.97
CA VAL A 566 -6.22 7.02 -20.95
C VAL A 566 -5.47 6.57 -22.18
N ILE A 567 -4.44 5.75 -21.98
CA ILE A 567 -3.61 5.28 -23.07
C ILE A 567 -3.60 3.75 -23.08
N THR A 568 -3.11 3.16 -24.17
CA THR A 568 -2.78 1.74 -24.16
C THR A 568 -1.27 1.62 -24.33
N LEU A 569 -0.65 0.78 -23.51
CA LEU A 569 0.81 0.74 -23.44
C LEU A 569 1.44 0.27 -24.75
N PRO A 570 2.55 0.89 -25.14
CA PRO A 570 3.16 0.64 -26.44
C PRO A 570 3.95 -0.66 -26.44
N GLU A 571 4.10 -1.23 -27.62
CA GLU A 571 4.95 -2.39 -27.79
CA GLU A 571 4.95 -2.39 -27.81
C GLU A 571 6.37 -1.89 -28.11
N THR A 572 7.20 -1.84 -27.09
CA THR A 572 8.56 -1.35 -27.22
C THR A 572 9.35 -1.92 -26.05
N LEU A 573 10.67 -1.83 -26.11
CA LEU A 573 11.51 -2.34 -25.03
C LEU A 573 11.01 -1.80 -23.69
N GLY A 574 10.76 -2.71 -22.75
CA GLY A 574 10.21 -2.33 -21.47
C GLY A 574 11.25 -1.89 -20.47
N GLY A 575 10.93 -2.04 -19.19
CA GLY A 575 11.79 -1.59 -18.11
C GLY A 575 11.17 -0.38 -17.44
N LYS A 576 11.92 0.24 -16.53
CA LYS A 576 11.46 1.46 -15.87
C LYS A 576 11.92 2.67 -16.66
N ALA A 577 10.96 3.43 -17.19
CA ALA A 577 11.27 4.64 -17.94
C ALA A 577 10.20 5.66 -17.65
N GLN A 578 10.29 6.83 -18.28
CA GLN A 578 9.36 7.91 -17.98
CA GLN A 578 9.37 7.92 -18.00
C GLN A 578 8.24 8.04 -19.03
N ILE A 579 7.03 8.22 -18.52
CA ILE A 579 5.90 8.61 -19.36
C ILE A 579 5.89 10.13 -19.32
N SER A 580 5.75 10.76 -20.48
CA SER A 580 5.63 12.20 -20.56
C SER A 580 4.47 12.58 -21.48
N VAL A 581 3.84 13.71 -21.18
CA VAL A 581 2.68 14.18 -21.93
C VAL A 581 3.01 15.51 -22.59
N THR A 582 2.69 15.65 -23.86
CA THR A 582 2.84 16.94 -24.54
C THR A 582 1.46 17.42 -24.95
N ASN A 583 1.09 18.63 -24.54
CA ASN A 583 -0.23 19.13 -24.88
C ASN A 583 -0.28 19.54 -26.36
N SER A 584 -1.48 19.86 -26.82
CA SER A 584 -1.65 20.22 -28.22
C SER A 584 -0.92 21.52 -28.53
N ASP A 585 -0.52 22.25 -27.48
CA ASP A 585 0.23 23.49 -27.65
C ASP A 585 1.74 23.25 -27.74
N GLY A 586 2.16 22.01 -27.55
CA GLY A 586 3.54 21.65 -27.73
C GLY A 586 4.38 21.71 -26.46
N VAL A 587 3.72 21.93 -25.32
CA VAL A 587 4.41 22.00 -24.05
C VAL A 587 4.45 20.61 -23.43
N THR A 588 5.64 20.18 -23.00
CA THR A 588 5.82 18.83 -22.47
C THR A 588 5.88 18.81 -20.94
N SER A 589 5.30 17.77 -20.35
CA SER A 589 5.20 17.66 -18.90
C SER A 589 6.47 17.11 -18.28
N ASN A 590 6.44 17.01 -16.95
CA ASN A 590 7.41 16.24 -16.18
C ASN A 590 7.34 14.77 -16.61
N GLY A 591 8.44 14.05 -16.46
CA GLY A 591 8.45 12.62 -16.69
C GLY A 591 8.00 11.89 -15.44
N TYR A 592 7.24 10.82 -15.62
CA TYR A 592 6.68 10.07 -14.49
C TYR A 592 7.10 8.60 -14.61
N ASP A 593 7.78 8.10 -13.58
CA ASP A 593 8.29 6.72 -13.60
C ASP A 593 7.17 5.73 -13.92
N PHE A 594 7.42 4.84 -14.87
CA PHE A 594 6.48 3.76 -15.18
C PHE A 594 7.22 2.46 -15.48
N GLN A 595 6.66 1.34 -15.08
CA GLN A 595 7.29 0.05 -15.31
CA GLN A 595 7.28 0.04 -15.29
C GLN A 595 6.58 -0.74 -16.42
N LEU A 596 7.19 -0.76 -17.59
CA LEU A 596 6.63 -1.48 -18.74
C LEU A 596 7.13 -2.91 -18.79
N LEU A 597 6.21 -3.85 -18.79
CA LEU A 597 6.54 -5.27 -18.83
C LEU A 597 6.62 -5.72 -20.29
N THR A 598 7.21 -6.89 -20.51
CA THR A 598 7.43 -7.42 -21.85
C THR A 598 6.22 -8.20 -22.35
N GLY A 599 5.45 -8.73 -21.40
CA GLY A 599 4.25 -9.49 -21.70
C GLY A 599 3.63 -10.03 -20.42
N LYS A 600 2.77 -11.03 -20.56
CA LYS A 600 2.11 -11.64 -19.42
C LYS A 600 3.17 -12.28 -18.52
N GLN A 601 3.07 -12.05 -17.22
CA GLN A 601 4.08 -12.53 -16.28
C GLN A 601 3.77 -13.88 -15.67
N GLU A 602 4.83 -14.68 -15.42
CA GLU A 602 4.72 -15.87 -14.60
C GLU A 602 5.86 -15.87 -13.61
N SER A 603 5.62 -16.41 -12.41
CA SER A 603 6.67 -16.56 -11.42
C SER A 603 7.50 -17.79 -11.75
N VAL A 604 8.78 -17.57 -12.04
CA VAL A 604 9.67 -18.66 -12.42
C VAL A 604 10.83 -18.75 -11.44
N ARG A 605 11.02 -19.93 -10.85
CA ARG A 605 12.15 -20.15 -9.97
C ARG A 605 13.37 -20.51 -10.82
N PHE A 606 14.39 -19.65 -10.77
CA PHE A 606 15.64 -19.91 -11.46
C PHE A 606 16.58 -20.58 -10.46
N VAL A 607 17.16 -21.69 -10.87
CA VAL A 607 18.06 -22.46 -10.02
C VAL A 607 19.37 -22.66 -10.77
N VAL A 608 20.49 -22.38 -10.11
CA VAL A 608 21.80 -22.54 -10.73
C VAL A 608 22.68 -23.38 -9.81
N ASP A 609 23.19 -24.50 -10.33
CA ASP A 609 24.04 -25.41 -9.56
C ASP A 609 25.52 -25.10 -9.75
N ASN A 610 26.33 -25.54 -8.80
CA ASN A 610 27.77 -25.52 -8.95
C ASN A 610 28.31 -24.11 -9.14
N ALA A 611 27.69 -23.15 -8.45
CA ALA A 611 28.11 -21.75 -8.51
C ALA A 611 28.91 -21.40 -7.27
N HIS A 612 30.21 -21.69 -7.32
CA HIS A 612 31.08 -21.44 -6.17
C HIS A 612 31.53 -19.99 -6.14
N THR A 613 31.50 -19.39 -4.96
CA THR A 613 31.87 -17.99 -4.80
C THR A 613 32.97 -17.85 -3.75
N ASN A 614 33.70 -16.75 -3.82
CA ASN A 614 34.62 -16.39 -2.77
C ASN A 614 33.86 -15.55 -1.74
N TYR A 615 34.37 -15.47 -0.52
CA TYR A 615 33.70 -14.68 0.50
C TYR A 615 33.46 -13.26 -0.02
N GLY A 616 32.30 -12.70 0.32
CA GLY A 616 31.96 -11.35 -0.10
C GLY A 616 31.25 -11.27 -1.45
N GLU A 617 31.16 -12.40 -2.15
CA GLU A 617 30.52 -12.43 -3.45
C GLU A 617 29.13 -13.07 -3.41
N ASN A 618 28.28 -12.65 -4.33
CA ASN A 618 26.95 -13.24 -4.48
C ASN A 618 26.65 -13.49 -5.95
N VAL A 619 25.78 -14.44 -6.21
CA VAL A 619 25.35 -14.75 -7.57
C VAL A 619 24.11 -13.93 -7.89
N TYR A 620 24.08 -13.37 -9.10
CA TYR A 620 22.91 -12.65 -9.58
C TYR A 620 22.52 -13.20 -10.94
N LEU A 621 21.29 -12.91 -11.35
CA LEU A 621 20.76 -13.37 -12.63
C LEU A 621 20.56 -12.19 -13.56
N VAL A 622 21.03 -12.30 -14.80
CA VAL A 622 20.83 -11.21 -15.74
C VAL A 622 20.46 -11.78 -17.11
N GLY A 623 19.69 -11.03 -17.90
CA GLY A 623 19.19 -11.60 -19.15
C GLY A 623 18.63 -10.58 -20.10
N ASN A 624 18.11 -11.07 -21.22
CA ASN A 624 17.74 -10.20 -22.35
C ASN A 624 16.57 -9.26 -22.08
N VAL A 625 15.52 -9.75 -21.46
CA VAL A 625 14.32 -8.95 -21.24
C VAL A 625 14.53 -8.00 -20.06
N PRO A 626 13.78 -6.89 -20.04
CA PRO A 626 13.97 -5.95 -18.92
C PRO A 626 13.61 -6.57 -17.56
N GLU A 627 12.78 -7.60 -17.58
CA GLU A 627 12.45 -8.32 -16.34
C GLU A 627 13.70 -8.96 -15.75
N LEU A 628 14.71 -9.16 -16.60
CA LEU A 628 15.99 -9.73 -16.17
C LEU A 628 17.14 -8.73 -16.26
N GLY A 629 16.81 -7.43 -16.35
CA GLY A 629 17.83 -6.39 -16.34
C GLY A 629 18.38 -5.96 -17.69
N ASN A 630 17.86 -6.51 -18.78
CA ASN A 630 18.32 -6.17 -20.13
CA ASN A 630 18.32 -6.16 -20.12
C ASN A 630 19.85 -6.20 -20.25
N TRP A 631 20.43 -7.29 -19.74
CA TRP A 631 21.85 -7.57 -19.81
C TRP A 631 22.72 -6.65 -18.96
N ASN A 632 22.11 -5.73 -18.23
CA ASN A 632 22.90 -4.79 -17.42
C ASN A 632 23.09 -5.29 -16.00
N PRO A 633 24.35 -5.59 -15.62
CA PRO A 633 24.62 -6.10 -14.28
C PRO A 633 24.08 -5.17 -13.19
N ALA A 634 24.08 -3.88 -13.46
CA ALA A 634 23.53 -2.92 -12.49
C ALA A 634 22.05 -3.18 -12.22
N ASP A 635 21.38 -3.85 -13.16
CA ASP A 635 19.95 -4.13 -13.06
C ASP A 635 19.66 -5.62 -12.88
N ALA A 636 20.67 -6.39 -12.48
CA ALA A 636 20.51 -7.83 -12.33
C ALA A 636 19.62 -8.19 -11.14
N ILE A 637 19.07 -9.39 -11.19
CA ILE A 637 18.20 -9.92 -10.13
C ILE A 637 19.04 -10.61 -9.07
N GLY A 638 18.75 -10.31 -7.81
CA GLY A 638 19.47 -10.89 -6.69
C GLY A 638 19.77 -9.86 -5.61
N PRO A 639 20.68 -10.20 -4.68
CA PRO A 639 21.48 -11.43 -4.67
C PRO A 639 20.62 -12.67 -4.45
N MET A 640 20.95 -13.75 -5.15
CA MET A 640 20.17 -14.97 -5.08
C MET A 640 20.29 -15.64 -3.72
N PHE A 641 19.36 -16.55 -3.44
CA PHE A 641 19.30 -17.29 -2.17
C PHE A 641 20.06 -18.61 -2.28
N ASN A 642 20.46 -19.18 -1.14
CA ASN A 642 21.22 -20.43 -1.18
C ASN A 642 21.24 -21.23 0.13
N GLN A 643 20.18 -21.11 0.92
CA GLN A 643 20.11 -21.80 2.21
C GLN A 643 18.92 -22.76 2.32
N VAL A 644 17.73 -22.28 2.00
CA VAL A 644 16.49 -22.98 2.38
C VAL A 644 15.96 -23.99 1.35
N VAL A 645 15.51 -23.49 0.21
CA VAL A 645 14.92 -24.39 -0.79
C VAL A 645 16.00 -25.26 -1.46
N TYR A 646 17.18 -24.66 -1.68
CA TYR A 646 18.38 -25.35 -2.12
C TYR A 646 19.56 -24.83 -1.32
N SER A 647 20.64 -25.61 -1.26
CA SER A 647 21.83 -25.23 -0.51
C SER A 647 23.02 -24.92 -1.41
N TYR A 648 23.78 -23.89 -1.04
CA TYR A 648 25.04 -23.58 -1.69
C TYR A 648 25.83 -24.87 -1.90
N PRO A 649 26.50 -25.01 -3.06
CA PRO A 649 26.67 -24.03 -4.14
C PRO A 649 25.52 -23.99 -5.15
N THR A 650 24.35 -24.49 -4.78
CA THR A 650 23.16 -24.23 -5.59
C THR A 650 22.52 -22.94 -5.09
N TRP A 651 22.15 -22.05 -6.02
CA TRP A 651 21.47 -20.82 -5.67
C TRP A 651 20.12 -20.77 -6.38
N TYR A 652 19.19 -19.99 -5.86
CA TYR A 652 17.86 -19.90 -6.47
C TYR A 652 17.19 -18.55 -6.22
N TYR A 653 16.19 -18.23 -7.02
CA TYR A 653 15.42 -17.01 -6.81
C TYR A 653 14.16 -17.11 -7.64
N ASP A 654 13.07 -16.56 -7.11
CA ASP A 654 11.79 -16.57 -7.81
C ASP A 654 11.60 -15.24 -8.51
N VAL A 655 11.41 -15.29 -9.82
CA VAL A 655 11.49 -14.10 -10.65
C VAL A 655 10.27 -13.98 -11.54
N SER A 656 9.70 -12.77 -11.61
CA SER A 656 8.61 -12.51 -12.56
C SER A 656 9.20 -12.32 -13.95
N VAL A 657 8.88 -13.23 -14.86
CA VAL A 657 9.34 -13.13 -16.25
C VAL A 657 8.17 -13.27 -17.24
N PRO A 658 8.35 -12.74 -18.46
CA PRO A 658 7.27 -12.82 -19.45
C PRO A 658 7.16 -14.24 -20.00
N ALA A 659 5.93 -14.72 -20.09
CA ALA A 659 5.66 -16.03 -20.66
C ALA A 659 5.68 -15.95 -22.18
N ASP A 660 5.84 -17.09 -22.84
CA ASP A 660 5.77 -17.16 -24.30
C ASP A 660 6.73 -16.18 -24.95
N THR A 661 7.91 -16.03 -24.36
CA THR A 661 8.91 -15.06 -24.81
C THR A 661 10.27 -15.73 -24.79
N ALA A 662 11.06 -15.54 -25.84
CA ALA A 662 12.41 -16.11 -25.85
C ALA A 662 13.26 -15.47 -24.78
N LEU A 663 13.65 -16.25 -23.77
CA LEU A 663 14.53 -15.73 -22.73
C LEU A 663 15.96 -16.19 -22.96
N GLU A 664 16.90 -15.28 -22.75
CA GLU A 664 18.31 -15.63 -22.76
C GLU A 664 18.89 -15.04 -21.48
N PHE A 665 19.68 -15.82 -20.76
CA PHE A 665 20.18 -15.34 -19.47
C PHE A 665 21.53 -15.94 -19.11
N LYS A 666 22.23 -15.26 -18.22
CA LYS A 666 23.46 -15.77 -17.64
C LYS A 666 23.46 -15.43 -16.17
N PHE A 667 24.31 -16.12 -15.42
CA PHE A 667 24.52 -15.78 -14.03
C PHE A 667 25.85 -15.06 -13.91
N ILE A 668 25.91 -14.12 -12.98
CA ILE A 668 27.12 -13.33 -12.75
C ILE A 668 27.46 -13.40 -11.28
N ILE A 669 28.74 -13.20 -10.97
CA ILE A 669 29.18 -13.18 -9.58
C ILE A 669 29.66 -11.77 -9.29
N VAL A 670 29.07 -11.15 -8.28
CA VAL A 670 29.37 -9.75 -7.99
C VAL A 670 29.94 -9.62 -6.59
N ASP A 671 31.02 -8.86 -6.47
CA ASP A 671 31.65 -8.67 -5.16
C ASP A 671 31.13 -7.40 -4.48
N GLY A 672 31.69 -7.08 -3.32
CA GLY A 672 31.22 -5.97 -2.53
C GLY A 672 31.43 -4.60 -3.15
N ASN A 673 32.36 -4.51 -4.10
CA ASN A 673 32.62 -3.26 -4.80
C ASN A 673 31.79 -3.11 -6.06
N GLY A 674 31.03 -4.16 -6.40
CA GLY A 674 30.22 -4.14 -7.58
C GLY A 674 30.94 -4.69 -8.81
N ASN A 675 32.13 -5.26 -8.61
CA ASN A 675 32.87 -5.89 -9.69
C ASN A 675 32.09 -7.09 -10.20
N VAL A 676 31.98 -7.21 -11.52
CA VAL A 676 31.16 -8.27 -12.12
C VAL A 676 32.03 -9.28 -12.84
N THR A 677 31.81 -10.56 -12.54
CA THR A 677 32.39 -11.64 -13.33
C THR A 677 31.27 -12.48 -13.96
N TRP A 678 31.37 -12.70 -15.26
CA TRP A 678 30.30 -13.33 -16.01
C TRP A 678 30.51 -14.83 -16.14
N GLU A 679 29.41 -15.57 -16.13
CA GLU A 679 29.44 -16.97 -16.49
C GLU A 679 30.09 -17.07 -17.86
N SER A 680 30.91 -18.10 -18.08
CA SER A 680 31.57 -18.25 -19.37
C SER A 680 30.62 -18.90 -20.37
N GLY A 681 31.05 -18.94 -21.64
CA GLY A 681 30.27 -19.59 -22.67
C GLY A 681 29.10 -18.75 -23.15
N GLY A 682 28.13 -19.40 -23.78
CA GLY A 682 27.00 -18.71 -24.37
C GLY A 682 25.85 -18.56 -23.40
N ASN A 683 24.76 -17.97 -23.87
CA ASN A 683 23.61 -17.74 -23.01
C ASN A 683 22.85 -19.03 -22.73
N HIS A 684 22.17 -19.08 -21.60
CA HIS A 684 21.16 -20.10 -21.34
C HIS A 684 19.89 -19.59 -21.98
N ASN A 685 19.18 -20.45 -22.71
CA ASN A 685 17.95 -20.07 -23.38
C ASN A 685 16.79 -20.86 -22.83
N TYR A 686 15.64 -20.20 -22.71
CA TYR A 686 14.45 -20.87 -22.22
C TYR A 686 13.22 -20.11 -22.68
N ARG A 687 12.11 -20.81 -22.79
CA ARG A 687 10.83 -20.17 -23.10
C ARG A 687 9.79 -20.76 -22.17
N VAL A 688 9.11 -19.88 -21.42
CA VAL A 688 8.13 -20.33 -20.45
C VAL A 688 6.80 -20.56 -21.13
N THR A 689 6.40 -21.82 -21.23
CA THR A 689 5.19 -22.16 -21.97
C THR A 689 4.01 -21.96 -21.05
N SER A 690 3.48 -20.74 -21.12
CA SER A 690 2.67 -20.07 -20.10
C SER A 690 1.53 -20.82 -19.41
N GLY A 691 0.73 -20.04 -18.68
CA GLY A 691 -0.43 -20.55 -17.99
C GLY A 691 -0.12 -21.09 -16.61
N SER A 692 1.14 -20.94 -16.17
CA SER A 692 1.52 -21.49 -14.87
C SER A 692 2.91 -21.09 -14.41
N THR A 693 3.15 -21.19 -13.10
CA THR A 693 4.50 -21.01 -12.59
C THR A 693 5.41 -22.06 -13.25
N ASP A 694 6.73 -21.85 -13.13
CA ASP A 694 7.70 -22.76 -13.71
C ASP A 694 9.01 -22.69 -12.92
N THR A 695 9.88 -23.67 -13.15
CA THR A 695 11.21 -23.67 -12.57
C THR A 695 12.17 -23.97 -13.70
N VAL A 696 13.26 -23.22 -13.79
CA VAL A 696 14.30 -23.50 -14.78
C VAL A 696 15.63 -23.65 -14.09
N ARG A 697 16.36 -24.71 -14.45
CA ARG A 697 17.56 -25.10 -13.72
C ARG A 697 18.73 -25.36 -14.66
N VAL A 698 19.89 -24.81 -14.31
CA VAL A 698 21.10 -25.00 -15.08
C VAL A 698 22.30 -25.18 -14.16
N SER A 699 23.40 -25.63 -14.73
CA SER A 699 24.67 -25.65 -14.02
C SER A 699 25.48 -24.42 -14.42
N PHE A 700 26.10 -23.76 -13.45
CA PHE A 700 26.96 -22.61 -13.70
C PHE A 700 28.14 -23.03 -14.57
N ARG A 701 28.38 -22.32 -15.67
CA ARG A 701 29.53 -22.59 -16.52
CA ARG A 701 29.54 -22.61 -16.50
C ARG A 701 30.73 -21.77 -16.05
N ARG A 702 31.78 -22.44 -15.59
CA ARG A 702 32.98 -21.75 -15.10
C ARG A 702 34.08 -21.77 -16.15
CA CA B . -22.73 -10.20 14.22
CA CA C . -30.09 -3.05 4.58
CA CA D . -9.95 -30.29 8.56
CA CA E . 8.26 33.63 20.28
CA CA F . -1.18 -30.71 -7.93
CA CA G . 6.03 -17.05 2.84
CL CL H . 11.03 27.54 -3.47
CL CL I . -7.12 23.60 -24.12
CL CL J . 9.96 -13.61 -28.38
CL CL K . 15.71 -31.21 -10.89
CL CL L . -12.38 4.90 -15.99
CL CL M . 14.25 13.94 22.43
CL CL N . 29.28 -5.21 -19.13
CL CL O . -18.89 -14.70 27.56
CL CL P . 27.17 -10.36 1.60
CL CL Q . 5.43 -8.78 10.10
CL CL R . -11.45 19.10 -20.73
CL CL S . 6.64 23.54 27.23
CL CL T . -0.10 -6.18 -16.08
NA NA U . 10.99 -10.37 -10.35
S SO4 V . -22.74 -17.24 24.01
O1 SO4 V . -22.71 -17.14 25.47
O2 SO4 V . -21.37 -17.28 23.51
O3 SO4 V . -23.44 -18.47 23.63
O4 SO4 V . -23.43 -16.09 23.46
S SO4 W . -29.29 3.31 1.71
O1 SO4 W . -28.47 4.31 2.39
O2 SO4 W . -28.44 2.47 0.87
O3 SO4 W . -29.98 2.48 2.70
O4 SO4 W . -30.28 3.99 0.88
S SO4 X . 19.39 -10.20 4.69
O1 SO4 X . 20.55 -9.98 5.57
O2 SO4 X . 19.59 -11.42 3.93
O3 SO4 X . 18.18 -10.32 5.50
O4 SO4 X . 19.24 -9.08 3.78
S SO4 Y . 13.17 21.63 1.02
O1 SO4 Y . 12.26 22.37 1.90
O2 SO4 Y . 13.60 20.39 1.68
O3 SO4 Y . 12.49 21.31 -0.23
O4 SO4 Y . 14.34 22.45 0.73
S SO4 Z . -14.36 16.94 21.65
O1 SO4 Z . -13.45 16.53 22.71
O2 SO4 Z . -13.60 17.15 20.42
O3 SO4 Z . -15.36 15.89 21.44
O4 SO4 Z . -15.04 18.19 22.01
S SO4 AA . 9.35 44.18 -3.52
O1 SO4 AA . 8.18 44.61 -2.75
O2 SO4 AA . 10.04 43.11 -2.79
O3 SO4 AA . 8.93 43.68 -4.82
O4 SO4 AA . 10.25 45.31 -3.69
S SO4 BA . 5.08 14.03 -33.23
O1 SO4 BA . 4.04 15.01 -33.52
O2 SO4 BA . 5.67 14.31 -31.94
O3 SO4 BA . 4.49 12.69 -33.23
O4 SO4 BA . 6.11 14.10 -34.27
S SO4 CA . 33.71 -23.86 -1.91
O1 SO4 CA . 32.88 -23.61 -0.74
O2 SO4 CA . 35.08 -23.42 -1.65
O3 SO4 CA . 33.70 -25.29 -2.23
O4 SO4 CA . 33.18 -23.10 -3.05
S SO4 DA . 18.40 -30.87 -5.15
O1 SO4 DA . 17.83 -30.32 -3.92
O2 SO4 DA . 19.60 -30.12 -5.50
O3 SO4 DA . 18.75 -32.27 -4.93
O4 SO4 DA . 17.41 -30.77 -6.22
S SO4 EA . -10.46 31.65 1.23
O1 SO4 EA . -11.06 32.91 1.65
O2 SO4 EA . -9.11 31.55 1.75
O3 SO4 EA . -11.26 30.52 1.73
O4 SO4 EA . -10.43 31.60 -0.24
S SO4 FA . 13.55 -5.88 6.36
O1 SO4 FA . 14.93 -5.37 6.30
O2 SO4 FA . 13.30 -6.72 5.19
O3 SO4 FA . 13.39 -6.69 7.56
O4 SO4 FA . 12.62 -4.77 6.39
S SO4 GA . 12.71 9.18 24.69
O1 SO4 GA . 13.94 9.69 25.31
O2 SO4 GA . 13.04 8.37 23.52
O3 SO4 GA . 12.00 8.34 25.67
O4 SO4 GA . 11.87 10.30 24.31
S SO4 HA . 1.60 5.80 26.65
O1 SO4 HA . 1.79 4.96 27.82
O2 SO4 HA . 2.45 5.30 25.57
O3 SO4 HA . 0.20 5.75 26.23
O4 SO4 HA . 1.98 7.19 26.95
S SO4 IA . -4.51 -0.57 27.05
O1 SO4 IA . -4.57 -1.04 28.44
O2 SO4 IA . -4.04 -1.66 26.20
O3 SO4 IA . -5.84 -0.15 26.64
O4 SO4 IA . -3.58 0.56 26.96
C1 GOL JA . -10.77 -32.70 6.53
O1 GOL JA . -9.80 -33.57 7.05
C2 GOL JA . -12.14 -33.30 6.80
O2 GOL JA . -12.46 -34.20 5.77
C3 GOL JA . -13.21 -32.22 6.91
O3 GOL JA . -13.45 -31.70 5.62
C1 GOL KA . -22.73 -18.39 1.53
O1 GOL KA . -22.16 -17.09 1.47
C2 GOL KA . -24.02 -18.42 0.75
O2 GOL KA . -25.02 -17.76 1.49
C3 GOL KA . -23.83 -17.72 -0.59
O3 GOL KA . -23.08 -18.56 -1.44
C1 GOL LA . 12.76 7.67 -19.86
O1 GOL LA . 12.61 8.77 -20.71
C2 GOL LA . 14.23 7.54 -19.47
O2 GOL LA . 14.94 6.96 -20.54
C3 GOL LA . 14.36 6.64 -18.24
O3 GOL LA . 13.81 7.28 -17.11
C1 GOL MA . 27.90 -11.54 -22.66
O1 GOL MA . 28.72 -12.35 -21.84
C2 GOL MA . 26.43 -11.86 -22.40
O2 GOL MA . 26.01 -12.87 -23.28
C3 GOL MA . 25.58 -10.62 -22.65
O3 GOL MA . 25.51 -10.38 -24.05
C1 GOL NA . -4.92 31.98 -11.05
O1 GOL NA . -3.84 31.29 -10.46
C2 GOL NA . -6.17 31.11 -10.96
O2 GOL NA . -7.17 31.77 -10.23
C3 GOL NA . -6.68 30.78 -12.37
O3 GOL NA . -7.94 30.15 -12.26
C1 GOL OA . -2.30 -17.14 -14.92
O1 GOL OA . -1.59 -15.99 -14.50
C2 GOL OA . -3.28 -16.76 -16.02
O2 GOL OA . -3.33 -17.79 -16.98
C3 GOL OA . -4.66 -16.53 -15.42
O3 GOL OA . -4.66 -15.37 -14.61
C1 GOL PA . 18.72 -9.55 -26.93
O1 GOL PA . 19.56 -10.64 -26.59
C2 GOL PA . 17.60 -10.06 -27.83
O2 GOL PA . 17.23 -11.36 -27.45
C3 GOL PA . 16.38 -9.14 -27.71
O3 GOL PA . 15.70 -9.43 -26.50
C1 GOL QA . 25.95 -7.17 6.51
O1 GOL QA . 24.60 -7.49 6.78
C2 GOL QA . 26.07 -5.65 6.46
O2 GOL QA . 27.42 -5.27 6.61
C3 GOL QA . 25.52 -5.17 5.13
O3 GOL QA . 25.73 -3.77 4.98
C1 GOL RA . 6.48 -26.66 -8.25
O1 GOL RA . 7.31 -26.05 -9.22
C2 GOL RA . 7.13 -26.47 -6.90
O2 GOL RA . 7.79 -25.22 -6.84
C3 GOL RA . 6.06 -26.50 -5.83
O3 GOL RA . 6.51 -27.38 -4.82
C1 EDO SA . 30.76 -14.15 2.59
O1 EDO SA . 29.80 -13.90 1.56
C2 EDO SA . 31.19 -12.83 3.21
O2 EDO SA . 32.18 -13.08 4.22
C1 EDO TA . 1.81 44.29 -2.39
O1 EDO TA . 1.19 43.00 -2.49
C2 EDO TA . 1.82 44.68 -0.92
O2 EDO TA . 0.56 44.34 -0.35
C1 EDO UA . -12.53 10.18 -14.48
O1 EDO UA . -12.32 9.81 -15.85
C2 EDO UA . -11.28 10.87 -13.93
O2 EDO UA . -10.22 9.93 -13.81
C1 EDO VA . -19.17 -20.16 26.35
O1 EDO VA . -20.53 -19.74 26.51
C2 EDO VA . -18.25 -19.25 27.15
O2 EDO VA . -16.89 -19.67 27.00
C1 EDO WA . 14.83 26.03 18.12
O1 EDO WA . 13.48 25.56 18.31
C2 EDO WA . 15.12 26.22 16.64
O2 EDO WA . 14.83 25.02 15.93
C1 EDO XA . -1.22 16.80 28.39
O1 EDO XA . -2.64 16.93 28.45
C2 EDO XA . -0.67 17.90 27.48
O2 EDO XA . -1.22 17.72 26.17
C1 EDO YA . -17.55 -24.37 21.32
O1 EDO YA . -18.96 -24.26 21.07
C2 EDO YA . -17.33 -24.85 22.75
O2 EDO YA . -17.89 -23.90 23.65
#